data_2BVT
#
_entry.id   2BVT
#
_cell.length_a   73.122
_cell.length_b   98.795
_cell.length_c   133.133
_cell.angle_alpha   90.00
_cell.angle_beta   90.00
_cell.angle_gamma   90.00
#
_symmetry.space_group_name_H-M   'P 21 21 21'
#
loop_
_entity.id
_entity.type
_entity.pdbx_description
1 polymer BETA-1,4-MANNANASE
2 branched beta-D-mannopyranose-(1-4)-beta-D-mannopyranose-(1-4)-beta-D-mannopyranose
3 non-polymer 'CACODYLATE ION'
4 water water
#
_entity_poly.entity_id   1
_entity_poly.type   'polypeptide(L)'
_entity_poly.pdbx_seq_one_letter_code
;MADETIAIVDADATAETRSLLSYLDGVRGEGILFGHQHTTSFGLTTGPTDGTTSDVKNVTGDFPAVFGWDTLIIEGNERP
GLAENTRDENIALFADYIRKADAIGGVNTVSAHVENFVTGGSFYDTSGDTLRAVLPGGSHHAELVAYLDDIAELADASRR
DDGTLIPIVFRPWHENAGSWFWWGAAYGSPGEYQELYRFTVEYLRDVKGVSNFLYAWGPGGGFGGNRDVYLRTYPGDAFV
DVLGLDTYDSTGSDAFLAGLVADLRMIAEIADEKGKVSAFTEFGVSGGVGTNGSSPAQWFTKVLAAIKADPVASRNAYME
TWANFDAGQHFVPVPGDALLEDFQAYAADPFTLFASEVTGAFDRTVAAAPAQPVVHIASPADGARVASAPTTVRVRVGGT
DVQSVTVEVAQGGTVVDTLDLAYDGALWWTAPWSPTSAQLDNSTYTVTATATTAAGTLDVTNEVAAALEHHHHHH
;
_entity_poly.pdbx_strand_id   A,B
#
loop_
_chem_comp.id
_chem_comp.type
_chem_comp.name
_chem_comp.formula
BMA D-saccharide, beta linking beta-D-mannopyranose 'C6 H12 O6'
CAC non-polymer 'CACODYLATE ION' 'C2 H6 As O2 -1'
#
# COMPACT_ATOMS: atom_id res chain seq x y z
N THR A 5 -30.50 33.40 36.31
CA THR A 5 -29.30 34.28 36.14
C THR A 5 -28.03 33.49 35.80
N ILE A 6 -27.43 33.81 34.66
CA ILE A 6 -26.19 33.15 34.24
C ILE A 6 -25.15 34.20 33.86
N ALA A 7 -23.87 33.79 33.86
CA ALA A 7 -22.78 34.68 33.52
C ALA A 7 -22.58 34.68 32.00
N ILE A 8 -22.84 35.81 31.35
CA ILE A 8 -22.67 35.90 29.89
C ILE A 8 -21.86 37.14 29.52
N VAL A 9 -20.82 36.96 28.73
CA VAL A 9 -19.95 38.06 28.31
C VAL A 9 -20.72 39.34 27.94
N ASP A 10 -21.84 39.19 27.26
CA ASP A 10 -22.61 40.38 26.93
C ASP A 10 -23.83 40.45 27.84
N ALA A 11 -23.71 41.23 28.90
CA ALA A 11 -24.78 41.39 29.87
C ALA A 11 -26.08 41.90 29.24
N ASP A 12 -25.98 42.48 28.04
CA ASP A 12 -27.17 43.00 27.35
C ASP A 12 -27.61 42.13 26.18
N ALA A 13 -27.19 40.88 26.17
CA ALA A 13 -27.55 39.97 25.09
C ALA A 13 -29.07 39.87 25.02
N THR A 14 -29.56 39.38 23.88
CA THR A 14 -31.00 39.22 23.69
C THR A 14 -31.52 38.03 24.49
N ALA A 15 -32.84 37.96 24.62
CA ALA A 15 -33.48 36.88 25.37
C ALA A 15 -33.07 35.49 24.88
N GLU A 16 -33.17 35.29 23.57
CA GLU A 16 -32.82 34.01 22.95
C GLU A 16 -31.34 33.68 23.15
N THR A 17 -30.49 34.69 23.05
CA THR A 17 -29.06 34.50 23.23
C THR A 17 -28.80 33.92 24.62
N ARG A 18 -29.25 34.65 25.65
CA ARG A 18 -29.07 34.20 27.03
C ARG A 18 -29.71 32.82 27.18
N SER A 19 -30.79 32.61 26.45
CA SER A 19 -31.48 31.34 26.51
C SER A 19 -30.52 30.24 26.05
N LEU A 20 -29.83 30.48 24.94
CA LEU A 20 -28.90 29.52 24.39
C LEU A 20 -27.74 29.15 25.31
N LEU A 21 -27.15 30.15 25.95
CA LEU A 21 -26.03 29.90 26.85
C LEU A 21 -26.56 29.01 27.97
N SER A 22 -27.81 29.26 28.34
CA SER A 22 -28.48 28.48 29.37
C SER A 22 -28.71 27.04 28.90
N TYR A 23 -29.14 26.89 27.65
CA TYR A 23 -29.39 25.57 27.05
C TYR A 23 -28.07 24.81 26.91
N LEU A 24 -27.10 25.46 26.27
CA LEU A 24 -25.80 24.87 26.04
C LEU A 24 -25.13 24.35 27.31
N ASP A 25 -25.37 25.00 28.44
CA ASP A 25 -24.76 24.54 29.68
C ASP A 25 -25.56 23.42 30.31
N GLY A 26 -26.89 23.50 30.19
CA GLY A 26 -27.74 22.47 30.76
C GLY A 26 -27.63 21.17 29.99
N VAL A 27 -27.30 21.26 28.72
CA VAL A 27 -27.19 20.07 27.90
C VAL A 27 -25.94 19.26 28.27
N ARG A 28 -24.91 19.93 28.78
CA ARG A 28 -23.67 19.24 29.14
C ARG A 28 -23.90 18.02 30.01
N GLY A 29 -23.38 16.88 29.54
CA GLY A 29 -23.52 15.64 30.27
C GLY A 29 -24.76 14.84 29.92
N GLU A 30 -25.80 15.52 29.43
CA GLU A 30 -27.05 14.87 29.06
C GLU A 30 -27.06 14.42 27.61
N GLY A 31 -26.39 15.19 26.77
CA GLY A 31 -26.31 14.89 25.35
C GLY A 31 -25.42 15.89 24.66
N ILE A 32 -24.64 15.44 23.67
CA ILE A 32 -23.75 16.34 22.97
C ILE A 32 -24.31 16.60 21.57
N LEU A 33 -24.42 17.87 21.20
CA LEU A 33 -24.95 18.23 19.88
C LEU A 33 -23.86 18.04 18.83
N PHE A 34 -24.19 17.36 17.74
CA PHE A 34 -23.23 17.13 16.65
C PHE A 34 -23.33 18.30 15.70
N GLY A 35 -22.17 18.86 15.36
CA GLY A 35 -22.15 20.00 14.45
C GLY A 35 -21.40 19.69 13.18
N HIS A 36 -21.74 20.41 12.12
CA HIS A 36 -21.09 20.21 10.83
C HIS A 36 -20.85 21.53 10.07
N GLN A 37 -19.58 21.84 9.82
CA GLN A 37 -19.17 23.07 9.12
C GLN A 37 -19.68 23.14 7.67
N HIS A 38 -20.34 24.24 7.33
CA HIS A 38 -20.87 24.43 5.97
C HIS A 38 -21.79 23.28 5.59
N THR A 39 -22.51 22.75 6.57
CA THR A 39 -23.38 21.60 6.33
C THR A 39 -24.41 21.73 5.19
N THR A 40 -24.81 22.94 4.82
CA THR A 40 -25.76 23.10 3.73
C THR A 40 -25.28 23.97 2.58
N SER A 41 -23.98 24.25 2.55
CA SER A 41 -23.40 25.07 1.48
C SER A 41 -22.31 24.29 0.75
N PHE A 42 -21.87 23.19 1.33
CA PHE A 42 -20.85 22.34 0.72
C PHE A 42 -21.25 20.88 0.89
N GLY A 43 -21.37 20.15 -0.21
CA GLY A 43 -21.77 18.76 -0.09
C GLY A 43 -21.28 17.90 -1.23
N LEU A 44 -21.43 16.60 -1.05
CA LEU A 44 -21.00 15.62 -2.04
C LEU A 44 -22.18 14.80 -2.53
N THR A 45 -23.26 14.78 -1.75
CA THR A 45 -24.42 14.01 -2.17
C THR A 45 -25.63 14.90 -2.33
N THR A 46 -25.46 16.18 -2.02
CA THR A 46 -26.57 17.13 -2.10
C THR A 46 -26.78 17.73 -3.47
N GLY A 47 -25.71 17.89 -4.23
CA GLY A 47 -25.85 18.52 -5.52
C GLY A 47 -25.60 20.00 -5.26
N PRO A 48 -26.06 20.92 -6.13
CA PRO A 48 -25.84 22.36 -5.91
C PRO A 48 -26.47 22.84 -4.61
N THR A 49 -25.66 23.35 -3.68
CA THR A 49 -26.18 23.80 -2.40
C THR A 49 -27.00 25.07 -2.52
N ASP A 50 -27.86 25.28 -1.53
CA ASP A 50 -28.75 26.44 -1.47
C ASP A 50 -29.15 26.69 -0.02
N GLY A 51 -28.49 26.00 0.90
CA GLY A 51 -28.79 26.18 2.31
C GLY A 51 -29.93 25.34 2.86
N THR A 52 -30.32 24.27 2.19
CA THR A 52 -31.39 23.42 2.70
C THR A 52 -31.05 21.95 2.67
N THR A 53 -30.10 21.56 1.82
CA THR A 53 -29.72 20.16 1.74
C THR A 53 -28.43 19.99 2.51
N SER A 54 -28.16 18.77 2.97
CA SER A 54 -26.94 18.48 3.72
C SER A 54 -26.55 17.02 3.65
N ASP A 55 -25.26 16.75 3.52
CA ASP A 55 -24.76 15.37 3.47
C ASP A 55 -25.13 14.64 4.78
N VAL A 56 -25.11 15.37 5.89
CA VAL A 56 -25.48 14.78 7.17
C VAL A 56 -26.93 14.36 7.04
N LYS A 57 -27.74 15.27 6.52
CA LYS A 57 -29.16 14.99 6.32
C LYS A 57 -29.37 13.77 5.42
N ASN A 58 -28.55 13.65 4.37
CA ASN A 58 -28.70 12.53 3.45
C ASN A 58 -28.22 11.18 3.98
N VAL A 59 -27.21 11.16 4.84
CA VAL A 59 -26.71 9.88 5.35
C VAL A 59 -27.28 9.48 6.69
N THR A 60 -27.72 10.46 7.49
CA THR A 60 -28.24 10.14 8.81
C THR A 60 -29.74 10.38 9.01
N GLY A 61 -30.37 11.14 8.13
CA GLY A 61 -31.80 11.38 8.27
C GLY A 61 -32.22 12.59 9.09
N ASP A 62 -31.25 13.40 9.49
CA ASP A 62 -31.52 14.60 10.26
C ASP A 62 -30.31 15.52 10.20
N PHE A 63 -30.56 16.83 10.27
CA PHE A 63 -29.48 17.80 10.20
C PHE A 63 -28.70 17.82 11.50
N PRO A 64 -27.43 18.26 11.43
CA PRO A 64 -26.67 18.30 12.68
C PRO A 64 -27.36 19.30 13.60
N ALA A 65 -27.12 19.21 14.90
CA ALA A 65 -27.75 20.14 15.83
C ALA A 65 -27.06 21.49 15.72
N VAL A 66 -25.84 21.48 15.21
CA VAL A 66 -25.06 22.69 15.05
C VAL A 66 -24.57 22.90 13.62
N PHE A 67 -24.81 24.10 13.10
CA PHE A 67 -24.40 24.48 11.75
C PHE A 67 -23.21 25.44 11.85
N GLY A 68 -22.06 25.03 11.32
CA GLY A 68 -20.88 25.89 11.38
C GLY A 68 -20.66 26.72 10.13
N TRP A 69 -20.16 27.94 10.33
CA TRP A 69 -19.88 28.85 9.22
C TRP A 69 -18.56 29.54 9.48
N ASP A 70 -18.10 30.35 8.53
CA ASP A 70 -16.85 31.06 8.70
C ASP A 70 -16.91 32.38 7.95
N THR A 71 -16.15 33.37 8.42
CA THR A 71 -16.15 34.67 7.76
C THR A 71 -15.64 34.59 6.32
N LEU A 72 -14.99 33.49 5.97
CA LEU A 72 -14.52 33.32 4.61
C LEU A 72 -15.68 33.55 3.64
N ILE A 73 -16.90 33.29 4.12
CA ILE A 73 -18.07 33.49 3.30
C ILE A 73 -18.09 34.96 2.87
N ILE A 74 -18.01 35.86 3.84
CA ILE A 74 -18.02 37.29 3.52
C ILE A 74 -16.91 37.62 2.53
N GLU A 75 -15.75 37.00 2.74
CA GLU A 75 -14.61 37.22 1.88
C GLU A 75 -14.89 36.72 0.46
N GLY A 76 -15.88 35.83 0.34
CA GLY A 76 -16.25 35.29 -0.96
C GLY A 76 -15.53 34.00 -1.32
N ASN A 77 -14.80 33.44 -0.37
CA ASN A 77 -14.04 32.22 -0.60
C ASN A 77 -14.77 30.91 -0.31
N GLU A 78 -15.77 30.95 0.55
CA GLU A 78 -16.54 29.75 0.85
C GLU A 78 -18.01 30.07 0.58
N ARG A 79 -18.67 29.23 -0.20
CA ARG A 79 -20.07 29.45 -0.52
C ARG A 79 -20.88 29.53 0.76
N PRO A 80 -22.06 30.20 0.72
CA PRO A 80 -22.69 30.85 -0.43
C PRO A 80 -21.98 32.11 -0.91
N GLY A 81 -20.91 32.49 -0.22
CA GLY A 81 -20.17 33.66 -0.64
C GLY A 81 -19.57 33.42 -2.01
N LEU A 82 -19.46 34.48 -2.81
CA LEU A 82 -18.87 34.38 -4.15
C LEU A 82 -17.86 35.48 -4.32
N ALA A 83 -16.74 35.15 -4.97
CA ALA A 83 -15.69 36.12 -5.21
C ALA A 83 -16.31 37.37 -5.86
N GLU A 84 -17.05 37.17 -6.95
CA GLU A 84 -17.69 38.27 -7.67
C GLU A 84 -18.45 39.22 -6.75
N ASN A 85 -19.40 38.67 -5.99
CA ASN A 85 -20.22 39.48 -5.09
C ASN A 85 -19.42 40.48 -4.26
N THR A 86 -20.10 41.54 -3.84
CA THR A 86 -19.48 42.55 -2.99
C THR A 86 -19.64 41.94 -1.59
N ARG A 87 -18.78 42.32 -0.66
CA ARG A 87 -18.90 41.75 0.67
C ARG A 87 -20.29 41.94 1.22
N ASP A 88 -20.93 43.04 0.83
CA ASP A 88 -22.27 43.31 1.32
C ASP A 88 -23.32 42.31 0.81
N GLU A 89 -23.07 41.69 -0.34
CA GLU A 89 -24.05 40.72 -0.85
C GLU A 89 -23.81 39.37 -0.19
N ASN A 90 -22.54 39.03 0.01
CA ASN A 90 -22.18 37.78 0.65
C ASN A 90 -22.73 37.76 2.07
N ILE A 91 -22.66 38.91 2.73
CA ILE A 91 -23.18 39.01 4.08
C ILE A 91 -24.68 38.67 4.09
N ALA A 92 -25.37 39.06 3.02
CA ALA A 92 -26.79 38.79 2.89
C ALA A 92 -27.07 37.30 2.71
N LEU A 93 -26.20 36.62 1.96
CA LEU A 93 -26.33 35.18 1.70
C LEU A 93 -26.02 34.38 2.98
N PHE A 94 -25.04 34.86 3.72
CA PHE A 94 -24.63 34.23 4.96
C PHE A 94 -25.84 34.27 5.91
N ALA A 95 -26.44 35.45 6.05
CA ALA A 95 -27.60 35.62 6.93
C ALA A 95 -28.76 34.73 6.51
N ASP A 96 -28.94 34.59 5.20
CA ASP A 96 -30.02 33.76 4.68
C ASP A 96 -29.79 32.32 5.13
N TYR A 97 -28.56 31.85 4.98
CA TYR A 97 -28.22 30.50 5.40
C TYR A 97 -28.40 30.33 6.90
N ILE A 98 -27.99 31.35 7.67
CA ILE A 98 -28.14 31.32 9.11
C ILE A 98 -29.64 31.24 9.44
N ARG A 99 -30.47 31.90 8.63
CA ARG A 99 -31.91 31.86 8.84
C ARG A 99 -32.44 30.46 8.58
N LYS A 100 -32.10 29.90 7.42
CA LYS A 100 -32.58 28.57 7.09
C LYS A 100 -32.13 27.54 8.13
N ALA A 101 -30.92 27.71 8.67
CA ALA A 101 -30.42 26.79 9.68
C ALA A 101 -31.36 26.86 10.88
N ASP A 102 -31.54 28.07 11.41
CA ASP A 102 -32.42 28.28 12.56
C ASP A 102 -33.82 27.76 12.25
N ALA A 103 -34.25 27.93 11.00
CA ALA A 103 -35.57 27.46 10.63
C ALA A 103 -35.56 25.94 10.75
N ILE A 104 -34.49 25.29 10.27
CA ILE A 104 -34.39 23.83 10.34
C ILE A 104 -34.46 23.43 11.81
N GLY A 105 -34.07 24.33 12.69
CA GLY A 105 -34.12 24.05 14.11
C GLY A 105 -32.74 23.91 14.70
N GLY A 106 -31.73 24.32 13.94
CA GLY A 106 -30.37 24.20 14.42
C GLY A 106 -29.80 25.39 15.15
N VAL A 107 -28.62 25.17 15.73
CA VAL A 107 -27.87 26.17 16.47
C VAL A 107 -26.73 26.62 15.56
N ASN A 108 -26.53 27.93 15.45
CA ASN A 108 -25.48 28.45 14.59
C ASN A 108 -24.16 28.82 15.28
N THR A 109 -23.04 28.49 14.65
CA THR A 109 -21.73 28.87 15.19
C THR A 109 -20.94 29.48 14.05
N VAL A 110 -19.99 30.36 14.36
CA VAL A 110 -19.20 30.99 13.31
C VAL A 110 -17.73 31.15 13.68
N SER A 111 -16.85 30.73 12.78
CA SER A 111 -15.41 30.85 12.99
C SER A 111 -14.92 31.91 12.01
N ALA A 112 -13.66 32.29 12.11
CA ALA A 112 -13.14 33.30 11.20
C ALA A 112 -11.71 33.04 10.79
N HIS A 113 -11.55 32.49 9.58
CA HIS A 113 -10.23 32.23 9.03
C HIS A 113 -9.86 33.50 8.30
N VAL A 114 -9.67 34.54 9.12
CA VAL A 114 -9.35 35.88 8.68
C VAL A 114 -8.15 35.99 7.77
N GLU A 115 -8.34 36.77 6.71
CA GLU A 115 -7.32 37.02 5.72
C GLU A 115 -6.14 37.77 6.32
N ASN A 116 -4.96 37.55 5.76
CA ASN A 116 -3.77 38.24 6.25
C ASN A 116 -3.74 39.66 5.67
N PHE A 117 -4.37 40.59 6.38
CA PHE A 117 -4.43 41.98 5.95
C PHE A 117 -3.11 42.53 5.44
N VAL A 118 -2.04 42.31 6.20
CA VAL A 118 -0.75 42.83 5.81
C VAL A 118 -0.25 42.40 4.44
N THR A 119 -0.27 41.10 4.16
CA THR A 119 0.26 40.62 2.90
C THR A 119 -0.72 40.29 1.77
N GLY A 120 -2.01 40.32 2.05
CA GLY A 120 -2.97 40.00 1.02
C GLY A 120 -3.11 38.49 0.91
N GLY A 121 -2.32 37.77 1.69
CA GLY A 121 -2.39 36.32 1.68
C GLY A 121 -3.57 35.78 2.47
N SER A 122 -3.59 34.47 2.68
CA SER A 122 -4.68 33.84 3.42
C SER A 122 -4.27 33.65 4.86
N PHE A 123 -5.20 33.10 5.66
CA PHE A 123 -4.97 32.86 7.07
C PHE A 123 -3.77 31.95 7.27
N TYR A 124 -3.45 31.17 6.24
CA TYR A 124 -2.31 30.27 6.31
C TYR A 124 -0.99 30.99 6.07
N ASP A 125 -1.05 32.19 5.48
CA ASP A 125 0.16 32.98 5.25
C ASP A 125 0.54 33.60 6.61
N THR A 126 1.61 33.12 7.22
CA THR A 126 1.99 33.65 8.53
C THR A 126 3.10 34.69 8.51
N SER A 127 3.14 35.49 7.45
CA SER A 127 4.15 36.52 7.34
C SER A 127 3.50 37.90 7.48
N GLY A 128 4.33 38.95 7.50
CA GLY A 128 3.82 40.30 7.60
C GLY A 128 3.63 40.87 9.00
N ASP A 129 3.77 40.02 10.02
CA ASP A 129 3.61 40.45 11.41
C ASP A 129 2.19 40.97 11.61
N THR A 130 1.26 40.36 10.89
CA THR A 130 -0.14 40.74 10.92
C THR A 130 -0.80 40.77 12.31
N LEU A 131 -0.41 39.88 13.21
CA LEU A 131 -1.00 39.85 14.55
C LEU A 131 -0.78 41.22 15.19
N ARG A 132 0.49 41.58 15.32
CA ARG A 132 0.87 42.83 15.94
C ARG A 132 0.53 44.08 15.13
N ALA A 133 0.38 43.93 13.82
CA ALA A 133 0.04 45.08 12.98
C ALA A 133 -1.44 45.37 13.04
N VAL A 134 -2.19 44.46 13.66
CA VAL A 134 -3.63 44.58 13.75
C VAL A 134 -4.14 45.00 15.12
N LEU A 135 -3.30 44.87 16.15
CA LEU A 135 -3.64 45.22 17.53
C LEU A 135 -3.85 46.73 17.72
N PRO A 136 -4.45 47.15 18.84
CA PRO A 136 -4.67 48.58 19.07
C PRO A 136 -3.37 49.38 18.84
N GLY A 137 -3.44 50.42 18.02
CA GLY A 137 -2.26 51.21 17.73
C GLY A 137 -1.40 50.59 16.62
N GLY A 138 -1.89 49.48 16.05
CA GLY A 138 -1.17 48.80 14.99
C GLY A 138 -1.30 49.45 13.64
N SER A 139 -0.32 49.20 12.77
CA SER A 139 -0.28 49.78 11.44
C SER A 139 -1.42 49.36 10.50
N HIS A 140 -2.13 48.32 10.89
CA HIS A 140 -3.24 47.83 10.08
C HIS A 140 -4.49 47.67 10.94
N HIS A 141 -4.50 48.31 12.11
CA HIS A 141 -5.65 48.22 13.00
C HIS A 141 -6.98 48.49 12.29
N ALA A 142 -7.01 49.53 11.46
CA ALA A 142 -8.21 49.92 10.74
C ALA A 142 -8.77 48.80 9.86
N GLU A 143 -7.87 47.98 9.32
CA GLU A 143 -8.27 46.87 8.47
C GLU A 143 -9.13 45.92 9.29
N LEU A 144 -8.60 45.55 10.45
CA LEU A 144 -9.31 44.65 11.34
C LEU A 144 -10.64 45.29 11.70
N VAL A 145 -10.61 46.58 12.05
CA VAL A 145 -11.83 47.29 12.41
C VAL A 145 -12.87 47.13 11.30
N ALA A 146 -12.44 47.38 10.07
CA ALA A 146 -13.30 47.25 8.89
C ALA A 146 -13.88 45.83 8.81
N TYR A 147 -13.02 44.83 9.00
CA TYR A 147 -13.45 43.44 8.95
C TYR A 147 -14.48 43.15 10.04
N LEU A 148 -14.23 43.61 11.26
CA LEU A 148 -15.16 43.38 12.35
C LEU A 148 -16.49 44.04 12.07
N ASP A 149 -16.48 45.14 11.32
CA ASP A 149 -17.71 45.85 11.00
C ASP A 149 -18.59 44.97 10.13
N ASP A 150 -17.98 44.22 9.23
CA ASP A 150 -18.74 43.36 8.36
C ASP A 150 -19.31 42.22 9.18
N ILE A 151 -18.62 41.88 10.27
CA ILE A 151 -19.07 40.82 11.16
C ILE A 151 -20.24 41.33 11.98
N ALA A 152 -20.27 42.63 12.22
CA ALA A 152 -21.36 43.25 12.97
C ALA A 152 -22.58 43.30 12.05
N GLU A 153 -22.33 43.48 10.75
CA GLU A 153 -23.41 43.51 9.77
C GLU A 153 -24.09 42.17 9.83
N LEU A 154 -23.29 41.11 9.72
CA LEU A 154 -23.80 39.75 9.73
C LEU A 154 -24.58 39.47 11.00
N ALA A 155 -24.10 39.97 12.13
CA ALA A 155 -24.80 39.73 13.37
C ALA A 155 -26.20 40.30 13.25
N ASP A 156 -26.29 41.54 12.78
CA ASP A 156 -27.57 42.22 12.65
C ASP A 156 -28.49 41.68 11.57
N ALA A 157 -27.93 41.14 10.50
CA ALA A 157 -28.76 40.63 9.44
C ALA A 157 -29.33 39.26 9.81
N SER A 158 -28.72 38.62 10.81
CA SER A 158 -29.18 37.30 11.24
C SER A 158 -30.44 37.38 12.10
N ARG A 159 -31.58 37.55 11.43
CA ARG A 159 -32.88 37.66 12.09
C ARG A 159 -33.94 36.76 11.50
N ARG A 160 -34.88 36.37 12.33
CA ARG A 160 -36.01 35.54 11.89
C ARG A 160 -36.95 36.48 11.16
N ASP A 161 -37.94 35.92 10.49
CA ASP A 161 -38.90 36.74 9.76
C ASP A 161 -39.56 37.75 10.67
N ASP A 162 -39.66 37.42 11.97
CA ASP A 162 -40.29 38.34 12.92
C ASP A 162 -39.28 39.38 13.38
N GLY A 163 -38.11 39.37 12.72
CA GLY A 163 -37.07 40.32 13.06
C GLY A 163 -36.23 39.95 14.28
N THR A 164 -36.54 38.81 14.91
CA THR A 164 -35.81 38.33 16.08
C THR A 164 -34.37 37.93 15.75
N LEU A 165 -33.43 38.51 16.48
CA LEU A 165 -32.03 38.20 16.27
C LEU A 165 -31.67 36.74 16.55
N ILE A 166 -31.05 36.09 15.56
CA ILE A 166 -30.62 34.70 15.72
C ILE A 166 -29.32 34.65 16.54
N PRO A 167 -29.29 33.85 17.61
CA PRO A 167 -28.07 33.77 18.42
C PRO A 167 -26.96 33.15 17.58
N ILE A 168 -25.72 33.58 17.79
CA ILE A 168 -24.60 33.04 17.06
C ILE A 168 -23.39 32.87 17.98
N VAL A 169 -22.82 31.67 18.01
CA VAL A 169 -21.64 31.41 18.84
C VAL A 169 -20.44 31.81 18.00
N PHE A 170 -19.85 32.96 18.32
CA PHE A 170 -18.70 33.48 17.60
C PHE A 170 -17.36 32.92 18.13
N ARG A 171 -16.60 32.24 17.27
CA ARG A 171 -15.32 31.67 17.68
C ARG A 171 -14.15 32.27 16.89
N PRO A 172 -13.68 33.46 17.30
CA PRO A 172 -12.58 34.20 16.68
C PRO A 172 -11.18 33.77 17.10
N TRP A 173 -10.23 33.96 16.19
CA TRP A 173 -8.82 33.66 16.44
C TRP A 173 -8.62 32.31 17.16
N HIS A 174 -9.04 31.23 16.52
CA HIS A 174 -8.92 29.91 17.12
C HIS A 174 -7.58 29.23 16.88
N GLU A 175 -7.29 28.24 17.73
CA GLU A 175 -6.05 27.49 17.62
C GLU A 175 -4.79 28.36 17.59
N ASN A 176 -4.77 29.37 18.45
CA ASN A 176 -3.61 30.26 18.51
C ASN A 176 -2.41 29.54 19.13
N ALA A 177 -2.64 28.50 19.91
CA ALA A 177 -1.54 27.75 20.51
C ALA A 177 -0.55 27.33 19.42
N GLY A 178 -1.06 26.87 18.28
CA GLY A 178 -0.19 26.47 17.17
C GLY A 178 0.21 27.70 16.36
N SER A 179 0.97 27.52 15.27
CA SER A 179 1.40 28.67 14.48
C SER A 179 1.10 28.58 12.99
N TRP A 180 0.07 27.82 12.61
CA TRP A 180 -0.28 27.69 11.21
C TRP A 180 -1.19 28.84 10.74
N PHE A 181 -1.56 29.72 11.67
CA PHE A 181 -2.37 30.91 11.36
C PHE A 181 -1.53 32.13 11.76
N TRP A 182 -1.71 33.26 11.10
CA TRP A 182 -0.91 34.43 11.42
C TRP A 182 -1.16 34.98 12.83
N TRP A 183 -2.25 34.56 13.46
CA TRP A 183 -2.52 35.03 14.83
C TRP A 183 -2.08 33.99 15.86
N GLY A 184 -1.18 33.11 15.46
CA GLY A 184 -0.68 32.05 16.33
C GLY A 184 0.44 32.44 17.29
N ALA A 185 0.79 31.46 18.13
CA ALA A 185 1.80 31.62 19.17
C ALA A 185 3.15 32.16 18.73
N ALA A 186 3.61 31.77 17.55
CA ALA A 186 4.91 32.23 17.07
C ALA A 186 4.91 33.66 16.55
N TYR A 187 3.77 34.33 16.58
CA TYR A 187 3.68 35.68 16.06
C TYR A 187 3.17 36.75 17.04
N GLY A 188 3.12 36.39 18.31
CA GLY A 188 2.66 37.33 19.32
C GLY A 188 2.75 36.65 20.67
N SER A 189 2.91 37.43 21.73
CA SER A 189 2.99 36.87 23.07
C SER A 189 1.57 36.54 23.56
N PRO A 190 1.47 35.75 24.64
CA PRO A 190 0.13 35.42 25.16
C PRO A 190 -0.63 36.72 25.34
N GLY A 191 0.07 37.73 25.84
CA GLY A 191 -0.52 39.03 26.08
C GLY A 191 -1.00 39.69 24.82
N GLU A 192 -0.18 39.69 23.78
CA GLU A 192 -0.59 40.32 22.53
C GLU A 192 -1.84 39.65 21.96
N TYR A 193 -1.92 38.32 22.11
CA TYR A 193 -3.07 37.56 21.64
C TYR A 193 -4.30 38.02 22.40
N GLN A 194 -4.18 38.04 23.73
CA GLN A 194 -5.28 38.44 24.59
C GLN A 194 -5.87 39.79 24.22
N GLU A 195 -5.02 40.79 24.03
CA GLU A 195 -5.53 42.10 23.65
C GLU A 195 -6.24 41.96 22.31
N LEU A 196 -5.74 41.08 21.45
CA LEU A 196 -6.38 40.90 20.16
C LEU A 196 -7.81 40.40 20.38
N TYR A 197 -7.97 39.37 21.21
CA TYR A 197 -9.29 38.81 21.47
C TYR A 197 -10.18 39.81 22.19
N ARG A 198 -9.65 40.41 23.24
CA ARG A 198 -10.41 41.38 24.00
C ARG A 198 -10.88 42.55 23.15
N PHE A 199 -10.01 43.11 22.31
CA PHE A 199 -10.45 44.23 21.49
C PHE A 199 -11.55 43.76 20.56
N THR A 200 -11.49 42.49 20.17
CA THR A 200 -12.52 41.95 19.29
C THR A 200 -13.86 41.95 20.00
N VAL A 201 -13.91 41.34 21.19
CA VAL A 201 -15.15 41.30 21.94
C VAL A 201 -15.70 42.71 22.22
N GLU A 202 -14.85 43.60 22.72
CA GLU A 202 -15.27 44.95 23.05
C GLU A 202 -15.71 45.78 21.86
N TYR A 203 -15.04 45.62 20.73
CA TYR A 203 -15.42 46.40 19.56
C TYR A 203 -16.83 46.02 19.09
N LEU A 204 -17.11 44.72 19.07
CA LEU A 204 -18.40 44.23 18.61
C LEU A 204 -19.51 44.48 19.63
N ARG A 205 -19.24 44.16 20.90
CA ARG A 205 -20.23 44.34 21.95
C ARG A 205 -20.43 45.82 22.28
N ASP A 206 -19.37 46.44 22.79
CA ASP A 206 -19.38 47.83 23.22
C ASP A 206 -19.45 48.91 22.14
N VAL A 207 -18.69 48.72 21.05
CA VAL A 207 -18.70 49.71 19.99
C VAL A 207 -19.80 49.51 18.95
N LYS A 208 -19.98 48.28 18.46
CA LYS A 208 -20.99 47.98 17.44
C LYS A 208 -22.37 47.64 17.99
N GLY A 209 -22.43 47.29 19.27
CA GLY A 209 -23.70 46.95 19.88
C GLY A 209 -24.28 45.57 19.62
N VAL A 210 -23.49 44.67 19.03
CA VAL A 210 -23.96 43.31 18.76
C VAL A 210 -24.57 42.81 20.06
N SER A 211 -25.70 42.11 19.98
CA SER A 211 -26.31 41.59 21.20
C SER A 211 -26.76 40.14 21.07
N ASN A 212 -26.40 39.50 19.96
CA ASN A 212 -26.74 38.09 19.75
C ASN A 212 -25.49 37.22 19.50
N PHE A 213 -24.42 37.50 20.25
CA PHE A 213 -23.17 36.75 20.15
C PHE A 213 -22.78 36.16 21.52
N LEU A 214 -22.34 34.92 21.49
CA LEU A 214 -21.85 34.26 22.69
C LEU A 214 -20.45 34.05 22.19
N TYR A 215 -19.46 34.56 22.91
CA TYR A 215 -18.08 34.41 22.45
C TYR A 215 -17.42 33.11 22.87
N ALA A 216 -16.76 32.47 21.91
CA ALA A 216 -16.07 31.21 22.17
C ALA A 216 -14.56 31.36 21.98
N TRP A 217 -13.80 30.64 22.78
CA TRP A 217 -12.36 30.69 22.72
C TRP A 217 -11.82 29.27 22.80
N GLY A 218 -11.04 28.89 21.79
CA GLY A 218 -10.47 27.55 21.75
C GLY A 218 -9.05 27.64 21.22
N PRO A 219 -8.06 27.64 22.12
CA PRO A 219 -6.62 27.72 21.84
C PRO A 219 -6.04 26.62 20.96
N GLY A 220 -6.61 25.42 21.06
CA GLY A 220 -6.12 24.31 20.26
C GLY A 220 -6.48 22.97 20.86
N GLY A 221 -5.49 22.09 21.01
CA GLY A 221 -5.73 20.78 21.59
C GLY A 221 -4.43 20.07 21.92
N GLY A 222 -4.55 18.89 22.51
CA GLY A 222 -3.37 18.11 22.87
C GLY A 222 -2.63 18.81 24.00
N PHE A 223 -3.36 19.06 25.08
CA PHE A 223 -2.78 19.74 26.23
C PHE A 223 -2.41 18.75 27.33
N GLY A 224 -2.84 17.50 27.18
CA GLY A 224 -2.56 16.51 28.20
C GLY A 224 -3.28 16.89 29.49
N GLY A 225 -4.33 17.70 29.36
CA GLY A 225 -5.11 18.13 30.50
C GLY A 225 -4.38 19.13 31.41
N ASN A 226 -3.38 19.81 30.86
CA ASN A 226 -2.61 20.80 31.61
C ASN A 226 -3.33 22.16 31.65
N ARG A 227 -4.02 22.41 32.76
CA ARG A 227 -4.75 23.67 32.94
C ARG A 227 -3.83 24.84 32.60
N ASP A 228 -2.62 24.81 33.17
CA ASP A 228 -1.62 25.86 32.99
C ASP A 228 -1.37 26.28 31.55
N VAL A 229 -0.98 25.32 30.72
CA VAL A 229 -0.71 25.60 29.32
C VAL A 229 -1.99 26.07 28.61
N TYR A 230 -3.05 25.28 28.73
CA TYR A 230 -4.34 25.59 28.12
C TYR A 230 -4.76 27.06 28.31
N LEU A 231 -4.79 27.50 29.57
CA LEU A 231 -5.17 28.86 29.93
C LEU A 231 -4.17 29.99 29.64
N ARG A 232 -2.91 29.65 29.41
CA ARG A 232 -1.90 30.68 29.14
C ARG A 232 -2.41 31.79 28.21
N THR A 233 -3.34 31.43 27.33
CA THR A 233 -3.89 32.31 26.33
C THR A 233 -5.25 32.92 26.68
N TYR A 234 -5.93 32.32 27.65
CA TYR A 234 -7.26 32.75 28.08
C TYR A 234 -7.48 34.26 28.15
N PRO A 235 -8.45 34.76 27.38
CA PRO A 235 -8.75 36.19 27.37
C PRO A 235 -9.30 36.64 28.72
N GLY A 236 -9.75 35.68 29.53
CA GLY A 236 -10.31 36.02 30.83
C GLY A 236 -11.82 35.86 30.88
N ASP A 237 -12.35 35.62 32.08
CA ASP A 237 -13.77 35.41 32.30
C ASP A 237 -14.74 36.44 31.73
N ALA A 238 -14.33 37.70 31.62
CA ALA A 238 -15.22 38.74 31.08
C ALA A 238 -15.22 38.83 29.56
N PHE A 239 -14.62 37.83 28.91
CA PHE A 239 -14.54 37.82 27.44
C PHE A 239 -14.95 36.51 26.80
N VAL A 240 -15.02 35.45 27.60
CA VAL A 240 -15.38 34.15 27.06
C VAL A 240 -16.62 33.52 27.69
N ASP A 241 -17.49 33.03 26.81
CA ASP A 241 -18.71 32.32 27.19
C ASP A 241 -18.48 30.81 27.07
N VAL A 242 -17.83 30.41 25.98
CA VAL A 242 -17.58 29.01 25.67
C VAL A 242 -16.10 28.63 25.59
N LEU A 243 -15.69 27.63 26.36
CA LEU A 243 -14.32 27.17 26.36
C LEU A 243 -14.24 25.97 25.42
N GLY A 244 -13.49 26.10 24.33
CA GLY A 244 -13.39 25.02 23.37
C GLY A 244 -12.11 24.20 23.34
N LEU A 245 -12.09 23.24 22.42
CA LEU A 245 -10.96 22.33 22.23
C LEU A 245 -11.04 21.82 20.79
N ASP A 246 -9.93 21.89 20.07
CA ASP A 246 -9.86 21.45 18.66
C ASP A 246 -8.86 20.30 18.52
N THR A 247 -9.34 19.12 18.15
CA THR A 247 -8.45 17.97 18.00
C THR A 247 -8.82 16.96 16.91
N TYR A 248 -7.90 16.76 15.98
CA TYR A 248 -8.08 15.79 14.90
C TYR A 248 -7.04 14.71 15.06
N ASP A 249 -7.44 13.48 14.77
CA ASP A 249 -6.56 12.34 14.88
C ASP A 249 -6.83 11.40 13.72
N SER A 250 -5.88 10.52 13.44
CA SER A 250 -6.10 9.58 12.36
C SER A 250 -5.42 8.27 12.70
N THR A 251 -5.52 7.88 13.97
CA THR A 251 -4.91 6.66 14.45
C THR A 251 -5.84 5.86 15.36
N GLY A 252 -6.84 6.50 15.94
CA GLY A 252 -7.76 5.79 16.81
C GLY A 252 -7.04 5.07 17.95
N SER A 253 -5.76 5.38 18.12
CA SER A 253 -4.96 4.76 19.16
C SER A 253 -5.56 5.04 20.53
N ASP A 254 -5.22 4.20 21.49
CA ASP A 254 -5.72 4.39 22.86
C ASP A 254 -5.01 5.63 23.38
N ALA A 255 -3.74 5.77 23.04
CA ALA A 255 -2.95 6.92 23.47
C ALA A 255 -3.71 8.19 23.08
N PHE A 256 -4.12 8.29 21.80
CA PHE A 256 -4.86 9.44 21.34
C PHE A 256 -6.10 9.66 22.18
N LEU A 257 -6.92 8.61 22.28
CA LEU A 257 -8.13 8.68 23.06
C LEU A 257 -7.91 9.09 24.50
N ALA A 258 -6.86 8.57 25.13
CA ALA A 258 -6.59 8.92 26.52
C ALA A 258 -6.34 10.43 26.63
N GLY A 259 -5.52 10.95 25.73
CA GLY A 259 -5.21 12.35 25.73
C GLY A 259 -6.46 13.17 25.45
N LEU A 260 -7.28 12.70 24.51
CA LEU A 260 -8.48 13.44 24.19
C LEU A 260 -9.41 13.50 25.41
N VAL A 261 -9.57 12.38 26.10
CA VAL A 261 -10.42 12.34 27.28
C VAL A 261 -9.88 13.26 28.37
N ALA A 262 -8.55 13.40 28.41
CA ALA A 262 -7.90 14.27 29.39
C ALA A 262 -8.22 15.74 29.12
N ASP A 263 -8.10 16.15 27.85
CA ASP A 263 -8.40 17.52 27.46
C ASP A 263 -9.88 17.82 27.68
N LEU A 264 -10.74 16.88 27.28
CA LEU A 264 -12.16 17.09 27.42
C LEU A 264 -12.59 17.21 28.87
N ARG A 265 -12.05 16.39 29.77
CA ARG A 265 -12.48 16.51 31.15
C ARG A 265 -11.88 17.76 31.79
N MET A 266 -10.78 18.26 31.23
CA MET A 266 -10.16 19.47 31.74
C MET A 266 -11.09 20.65 31.48
N ILE A 267 -11.22 21.02 30.20
CA ILE A 267 -12.08 22.12 29.81
C ILE A 267 -13.42 22.06 30.53
N ALA A 268 -13.92 20.84 30.76
CA ALA A 268 -15.20 20.66 31.45
C ALA A 268 -15.12 21.17 32.88
N GLU A 269 -14.02 20.86 33.57
CA GLU A 269 -13.85 21.31 34.95
C GLU A 269 -13.71 22.82 34.97
N ILE A 270 -12.75 23.36 34.21
CA ILE A 270 -12.58 24.82 34.17
C ILE A 270 -13.93 25.50 33.92
N ALA A 271 -14.69 24.96 32.98
CA ALA A 271 -16.00 25.50 32.67
C ALA A 271 -16.88 25.53 33.92
N ASP A 272 -16.99 24.38 34.60
CA ASP A 272 -17.80 24.29 35.81
C ASP A 272 -17.38 25.31 36.88
N GLU A 273 -16.09 25.38 37.13
CA GLU A 273 -15.58 26.32 38.12
C GLU A 273 -15.92 27.75 37.71
N LYS A 274 -15.74 28.06 36.44
CA LYS A 274 -16.01 29.41 35.96
C LYS A 274 -17.48 29.73 35.70
N GLY A 275 -18.34 28.72 35.79
CA GLY A 275 -19.75 28.96 35.54
C GLY A 275 -19.99 29.28 34.08
N LYS A 276 -19.25 28.59 33.21
CA LYS A 276 -19.38 28.80 31.77
C LYS A 276 -19.61 27.47 31.07
N VAL A 277 -19.61 27.51 29.75
CA VAL A 277 -19.83 26.32 28.94
C VAL A 277 -18.54 25.79 28.27
N SER A 278 -18.47 24.47 28.08
CA SER A 278 -17.31 23.88 27.43
C SER A 278 -17.79 23.00 26.29
N ALA A 279 -17.05 22.97 25.20
CA ALA A 279 -17.44 22.15 24.07
C ALA A 279 -16.25 21.69 23.25
N PHE A 280 -16.46 20.60 22.51
CA PHE A 280 -15.45 20.03 21.61
C PHE A 280 -15.71 20.83 20.31
N THR A 281 -15.17 22.04 20.26
CA THR A 281 -15.37 22.97 19.14
C THR A 281 -15.02 22.48 17.74
N GLU A 282 -14.06 21.58 17.66
CA GLU A 282 -13.63 21.00 16.39
C GLU A 282 -13.04 19.63 16.64
N PHE A 283 -13.42 18.67 15.81
CA PHE A 283 -12.93 17.30 15.93
C PHE A 283 -13.09 16.59 14.59
N GLY A 284 -12.44 15.44 14.48
CA GLY A 284 -12.54 14.67 13.25
C GLY A 284 -11.24 14.04 12.87
N VAL A 285 -11.32 13.09 11.97
CA VAL A 285 -10.17 12.38 11.45
C VAL A 285 -9.27 13.39 10.72
N SER A 286 -7.97 13.33 10.98
CA SER A 286 -7.00 14.23 10.35
C SER A 286 -7.04 14.11 8.83
N GLY A 287 -7.03 15.26 8.16
CA GLY A 287 -7.04 15.29 6.71
C GLY A 287 -8.37 14.87 6.14
N GLY A 288 -9.33 14.65 7.03
CA GLY A 288 -10.64 14.24 6.59
C GLY A 288 -10.75 12.73 6.49
N VAL A 289 -11.87 12.27 5.96
CA VAL A 289 -12.15 10.86 5.83
C VAL A 289 -12.34 10.45 4.37
N GLY A 290 -11.84 11.30 3.47
CA GLY A 290 -11.95 11.04 2.03
C GLY A 290 -10.65 10.77 1.30
N THR A 291 -10.72 10.73 -0.03
CA THR A 291 -9.56 10.47 -0.90
C THR A 291 -8.19 10.79 -0.34
N ASN A 292 -8.04 11.97 0.24
CA ASN A 292 -6.74 12.35 0.76
C ASN A 292 -6.68 12.28 2.27
N GLY A 293 -7.72 11.75 2.87
CA GLY A 293 -7.79 11.63 4.32
C GLY A 293 -7.45 10.22 4.74
N SER A 294 -8.08 9.75 5.82
CA SER A 294 -7.82 8.41 6.33
C SER A 294 -9.08 7.76 6.86
N SER A 295 -9.09 6.43 6.87
CA SER A 295 -10.22 5.67 7.38
C SER A 295 -9.88 4.81 8.60
N PRO A 296 -9.49 5.45 9.73
CA PRO A 296 -9.15 4.70 10.95
C PRO A 296 -10.36 3.87 11.37
N ALA A 297 -10.15 2.58 11.62
CA ALA A 297 -11.24 1.69 11.99
C ALA A 297 -12.14 2.23 13.08
N GLN A 298 -13.45 2.24 12.79
CA GLN A 298 -14.47 2.70 13.74
C GLN A 298 -14.07 3.96 14.50
N TRP A 299 -13.31 4.83 13.85
CA TRP A 299 -12.86 6.05 14.51
C TRP A 299 -13.96 6.82 15.23
N PHE A 300 -15.06 7.09 14.54
CA PHE A 300 -16.14 7.85 15.14
C PHE A 300 -16.70 7.26 16.43
N THR A 301 -17.04 5.97 16.42
CA THR A 301 -17.59 5.35 17.62
C THR A 301 -16.55 5.19 18.73
N LYS A 302 -15.30 4.94 18.35
CA LYS A 302 -14.25 4.79 19.34
C LYS A 302 -14.16 6.07 20.18
N VAL A 303 -14.34 7.20 19.50
CA VAL A 303 -14.27 8.50 20.15
C VAL A 303 -15.51 8.76 21.01
N LEU A 304 -16.68 8.35 20.54
CA LEU A 304 -17.90 8.56 21.31
C LEU A 304 -17.83 7.72 22.57
N ALA A 305 -17.44 6.45 22.37
CA ALA A 305 -17.30 5.50 23.47
C ALA A 305 -16.38 6.09 24.53
N ALA A 306 -15.30 6.70 24.06
CA ALA A 306 -14.32 7.31 24.94
C ALA A 306 -14.93 8.49 25.70
N ILE A 307 -15.71 9.32 25.01
CA ILE A 307 -16.33 10.48 25.64
C ILE A 307 -17.38 10.10 26.66
N LYS A 308 -18.24 9.15 26.32
CA LYS A 308 -19.30 8.74 27.22
C LYS A 308 -18.77 8.02 28.44
N ALA A 309 -17.75 7.18 28.23
CA ALA A 309 -17.14 6.41 29.30
C ALA A 309 -16.71 7.27 30.49
N ASP A 310 -16.50 8.55 30.25
CA ASP A 310 -16.08 9.48 31.30
C ASP A 310 -17.22 10.43 31.64
N PRO A 311 -17.56 10.52 32.93
CA PRO A 311 -18.64 11.40 33.39
C PRO A 311 -18.34 12.89 33.23
N VAL A 312 -17.08 13.26 33.39
CA VAL A 312 -16.69 14.65 33.28
C VAL A 312 -16.39 15.04 31.84
N ALA A 313 -15.62 14.19 31.17
CA ALA A 313 -15.26 14.43 29.77
C ALA A 313 -16.50 14.56 28.90
N SER A 314 -17.62 13.99 29.33
CA SER A 314 -18.84 14.06 28.55
C SER A 314 -19.68 15.33 28.80
N ARG A 315 -19.23 16.16 29.75
CA ARG A 315 -19.97 17.38 30.05
C ARG A 315 -19.63 18.51 29.09
N ASN A 316 -19.56 18.18 27.82
CA ASN A 316 -19.27 19.16 26.79
C ASN A 316 -20.49 19.29 25.90
N ALA A 317 -20.92 20.53 25.69
CA ALA A 317 -22.12 20.85 24.91
C ALA A 317 -22.20 20.37 23.45
N TYR A 318 -21.13 20.50 22.68
CA TYR A 318 -21.22 20.05 21.30
C TYR A 318 -19.87 19.67 20.72
N MET A 319 -19.91 19.04 19.56
CA MET A 319 -18.71 18.61 18.87
C MET A 319 -18.97 18.71 17.37
N GLU A 320 -18.21 19.57 16.70
CA GLU A 320 -18.39 19.82 15.28
C GLU A 320 -17.22 19.33 14.44
N THR A 321 -17.49 18.48 13.46
CA THR A 321 -16.42 18.01 12.61
C THR A 321 -16.40 19.03 11.47
N TRP A 322 -15.39 18.97 10.59
CA TRP A 322 -15.30 19.97 9.53
C TRP A 322 -16.08 19.76 8.23
N ALA A 323 -15.92 20.71 7.33
CA ALA A 323 -16.59 20.76 6.03
C ALA A 323 -16.38 19.59 5.09
N ASN A 324 -17.39 19.37 4.24
CA ASN A 324 -17.36 18.32 3.21
C ASN A 324 -17.19 19.05 1.86
N PHE A 325 -16.01 19.63 1.67
CA PHE A 325 -15.67 20.38 0.45
C PHE A 325 -15.68 19.55 -0.81
N ASP A 326 -14.97 18.43 -0.77
CA ASP A 326 -14.86 17.55 -1.94
C ASP A 326 -14.46 16.11 -1.59
N ALA A 327 -14.14 15.33 -2.62
CA ALA A 327 -13.78 13.93 -2.43
C ALA A 327 -12.49 13.77 -1.66
N GLY A 328 -11.47 14.55 -2.03
CA GLY A 328 -10.19 14.45 -1.36
C GLY A 328 -10.33 14.87 0.09
N GLN A 329 -11.01 15.99 0.31
CA GLN A 329 -11.20 16.50 1.65
C GLN A 329 -12.64 16.77 2.05
N HIS A 330 -13.17 15.92 2.92
CA HIS A 330 -14.50 16.08 3.49
C HIS A 330 -14.42 15.26 4.76
N PHE A 331 -15.05 15.75 5.83
CA PHE A 331 -14.97 15.09 7.12
C PHE A 331 -16.16 14.23 7.51
N VAL A 332 -17.22 14.31 6.73
CA VAL A 332 -18.40 13.49 6.96
C VAL A 332 -18.59 12.52 5.78
N PRO A 333 -18.51 11.21 6.09
CA PRO A 333 -18.64 10.10 5.14
C PRO A 333 -19.82 10.16 4.19
N VAL A 334 -19.62 9.60 3.01
CA VAL A 334 -20.66 9.51 1.99
C VAL A 334 -20.43 8.14 1.34
N PRO A 335 -21.44 7.60 0.64
CA PRO A 335 -21.25 6.29 0.01
C PRO A 335 -19.91 6.10 -0.69
N GLY A 336 -19.18 5.08 -0.28
CA GLY A 336 -17.89 4.83 -0.89
C GLY A 336 -16.77 4.94 0.13
N ASP A 337 -16.95 5.80 1.12
CA ASP A 337 -15.94 5.98 2.17
C ASP A 337 -16.12 4.88 3.18
N ALA A 338 -15.00 4.33 3.66
CA ALA A 338 -15.04 3.24 4.61
C ALA A 338 -15.82 3.59 5.88
N LEU A 339 -15.52 4.76 6.47
CA LEU A 339 -16.17 5.15 7.71
C LEU A 339 -17.67 5.45 7.63
N LEU A 340 -18.27 5.36 6.45
CA LEU A 340 -19.69 5.68 6.34
C LEU A 340 -20.57 4.96 7.36
N GLU A 341 -20.44 3.64 7.45
CA GLU A 341 -21.26 2.91 8.40
C GLU A 341 -20.97 3.33 9.84
N ASP A 342 -19.70 3.46 10.21
CA ASP A 342 -19.39 3.85 11.57
C ASP A 342 -20.00 5.20 11.93
N PHE A 343 -19.89 6.16 11.01
CA PHE A 343 -20.44 7.49 11.24
C PHE A 343 -21.94 7.48 11.44
N GLN A 344 -22.61 6.50 10.85
CA GLN A 344 -24.06 6.39 11.00
C GLN A 344 -24.33 5.83 12.39
N ALA A 345 -23.49 4.88 12.79
CA ALA A 345 -23.61 4.26 14.10
C ALA A 345 -23.54 5.37 15.13
N TYR A 346 -22.55 6.24 14.97
CA TYR A 346 -22.35 7.37 15.86
C TYR A 346 -23.59 8.28 15.89
N ALA A 347 -24.19 8.52 14.73
CA ALA A 347 -25.36 9.38 14.63
C ALA A 347 -26.59 8.80 15.32
N ALA A 348 -26.75 7.49 15.16
CA ALA A 348 -27.87 6.76 15.75
C ALA A 348 -27.74 6.64 17.26
N ASP A 349 -26.55 6.91 17.78
CA ASP A 349 -26.34 6.82 19.21
C ASP A 349 -27.21 7.86 19.89
N PRO A 350 -27.92 7.44 20.96
CA PRO A 350 -28.82 8.30 21.73
C PRO A 350 -28.14 9.53 22.32
N PHE A 351 -26.84 9.40 22.56
CA PHE A 351 -26.07 10.49 23.17
C PHE A 351 -25.76 11.64 22.24
N THR A 352 -25.78 11.39 20.94
CA THR A 352 -25.49 12.44 19.97
C THR A 352 -26.79 13.14 19.58
N LEU A 353 -26.84 14.45 19.76
CA LEU A 353 -28.04 15.21 19.42
C LEU A 353 -27.99 15.87 18.05
N PHE A 354 -29.10 15.77 17.33
CA PHE A 354 -29.19 16.36 16.02
C PHE A 354 -30.34 17.37 16.00
N ALA A 355 -30.34 18.21 14.98
CA ALA A 355 -31.33 19.26 14.80
C ALA A 355 -32.71 18.98 15.37
N SER A 356 -33.33 17.89 14.96
CA SER A 356 -34.68 17.58 15.44
C SER A 356 -34.77 17.29 16.93
N GLU A 357 -33.66 16.93 17.56
CA GLU A 357 -33.66 16.63 18.98
C GLU A 357 -33.44 17.86 19.85
N VAL A 358 -33.22 19.00 19.21
CA VAL A 358 -32.99 20.27 19.91
C VAL A 358 -34.32 20.93 20.23
N THR A 359 -34.57 21.17 21.51
CA THR A 359 -35.82 21.80 21.94
C THR A 359 -35.63 22.67 23.18
N GLY A 360 -36.27 23.84 23.18
CA GLY A 360 -36.17 24.76 24.32
C GLY A 360 -34.78 25.37 24.45
N ALA A 361 -34.23 25.84 23.34
CA ALA A 361 -32.91 26.44 23.34
C ALA A 361 -32.94 27.96 23.28
N PHE A 362 -34.05 28.51 22.78
CA PHE A 362 -34.16 29.96 22.64
C PHE A 362 -35.33 30.59 23.40
N ASP A 363 -36.29 29.76 23.79
CA ASP A 363 -37.46 30.25 24.48
C ASP A 363 -37.32 30.28 26.00
N ARG A 364 -36.10 30.11 26.50
CA ARG A 364 -35.90 30.12 27.95
C ARG A 364 -35.89 31.53 28.52
N THR A 365 -36.21 31.62 29.80
CA THR A 365 -36.25 32.89 30.50
C THR A 365 -35.11 32.95 31.50
N VAL A 366 -34.00 33.58 31.12
CA VAL A 366 -32.84 33.69 32.00
C VAL A 366 -32.34 35.13 32.13
N ALA A 367 -31.74 35.44 33.27
CA ALA A 367 -31.23 36.77 33.52
C ALA A 367 -29.70 36.78 33.44
N ALA A 368 -29.16 37.82 32.83
CA ALA A 368 -27.72 37.94 32.71
C ALA A 368 -27.20 38.67 33.93
N ALA A 369 -26.34 38.02 34.70
CA ALA A 369 -25.77 38.67 35.87
C ALA A 369 -25.13 39.97 35.38
N PRO A 370 -24.97 40.96 36.27
CA PRO A 370 -24.38 42.23 35.85
C PRO A 370 -22.95 42.05 35.31
N ALA A 371 -22.62 42.76 34.23
CA ALA A 371 -21.29 42.68 33.65
C ALA A 371 -20.25 42.98 34.73
N GLN A 372 -19.23 42.13 34.83
CA GLN A 372 -18.20 42.34 35.84
C GLN A 372 -17.20 43.40 35.39
N PRO A 373 -16.79 44.30 36.29
CA PRO A 373 -15.84 45.34 35.96
C PRO A 373 -14.53 44.72 35.56
N VAL A 374 -13.84 45.33 34.59
CA VAL A 374 -12.54 44.84 34.13
C VAL A 374 -11.72 45.99 33.59
N VAL A 375 -10.41 45.80 33.58
CA VAL A 375 -9.53 46.82 33.05
C VAL A 375 -8.24 46.19 32.56
N HIS A 376 -7.93 46.43 31.29
CA HIS A 376 -6.71 45.90 30.72
C HIS A 376 -6.01 46.97 29.89
N ILE A 377 -4.71 46.81 29.72
CA ILE A 377 -3.92 47.76 28.97
C ILE A 377 -3.86 47.27 27.54
N ALA A 378 -4.60 47.96 26.66
CA ALA A 378 -4.67 47.61 25.23
C ALA A 378 -3.34 47.83 24.52
N SER A 379 -2.52 48.74 25.05
CA SER A 379 -1.24 49.01 24.45
C SER A 379 -0.34 49.82 25.38
N PRO A 380 0.92 49.37 25.58
CA PRO A 380 1.46 48.14 24.97
C PRO A 380 0.93 46.88 25.67
N ALA A 381 0.62 45.85 24.89
CA ALA A 381 0.11 44.59 25.42
C ALA A 381 1.18 43.87 26.24
N ASP A 382 0.76 42.89 27.02
CA ASP A 382 1.70 42.16 27.84
C ASP A 382 2.61 41.28 27.01
N GLY A 383 3.91 41.36 27.30
CA GLY A 383 4.89 40.55 26.59
C GLY A 383 5.24 41.10 25.23
N ALA A 384 4.95 42.37 25.00
CA ALA A 384 5.25 43.00 23.71
C ALA A 384 6.49 43.89 23.82
N ARG A 385 7.16 44.12 22.70
CA ARG A 385 8.34 44.96 22.70
C ARG A 385 7.92 46.35 22.25
N VAL A 386 8.29 47.37 23.04
CA VAL A 386 7.94 48.76 22.72
C VAL A 386 9.03 49.51 21.94
N ALA A 387 8.59 50.28 20.94
CA ALA A 387 9.49 51.06 20.09
C ALA A 387 9.94 52.32 20.82
N SER A 388 11.11 52.84 20.45
CA SER A 388 11.63 54.06 21.07
C SER A 388 10.73 55.24 20.70
N ALA A 389 10.13 55.17 19.53
CA ALA A 389 9.23 56.22 19.05
C ALA A 389 8.13 56.42 20.09
N PRO A 390 7.52 57.61 20.12
CA PRO A 390 6.45 57.85 21.08
C PRO A 390 5.28 56.96 20.69
N THR A 391 4.57 56.43 21.69
CA THR A 391 3.41 55.58 21.45
C THR A 391 2.31 55.96 22.41
N THR A 392 1.08 55.58 22.07
CA THR A 392 -0.07 55.89 22.91
C THR A 392 -0.42 54.73 23.85
N VAL A 393 -0.44 55.02 25.14
CA VAL A 393 -0.81 54.01 26.13
C VAL A 393 -2.33 54.04 26.17
N ARG A 394 -2.98 52.89 25.91
CA ARG A 394 -4.44 52.87 26.01
C ARG A 394 -4.96 51.79 26.94
N VAL A 395 -5.81 52.23 27.86
CA VAL A 395 -6.42 51.37 28.85
C VAL A 395 -7.92 51.30 28.59
N ARG A 396 -8.49 50.13 28.85
CA ARG A 396 -9.90 49.93 28.67
C ARG A 396 -10.46 49.48 29.99
N VAL A 397 -11.47 50.20 30.48
CA VAL A 397 -12.11 49.83 31.74
C VAL A 397 -13.55 49.56 31.36
N GLY A 398 -14.02 48.34 31.64
CA GLY A 398 -15.39 48.00 31.29
C GLY A 398 -16.25 47.48 32.41
N GLY A 399 -17.56 47.64 32.23
CA GLY A 399 -18.51 47.17 33.22
C GLY A 399 -18.72 48.05 34.42
N THR A 400 -18.41 49.33 34.30
CA THR A 400 -18.58 50.27 35.40
C THR A 400 -18.18 51.67 34.96
N ASP A 401 -18.71 52.68 35.64
CA ASP A 401 -18.39 54.06 35.31
C ASP A 401 -17.00 54.37 35.83
N VAL A 402 -16.15 54.89 34.95
CA VAL A 402 -14.79 55.24 35.32
C VAL A 402 -14.65 56.72 35.64
N GLN A 403 -14.09 57.01 36.80
CA GLN A 403 -13.88 58.40 37.20
C GLN A 403 -12.53 58.90 36.69
N SER A 404 -11.50 58.08 36.87
CA SER A 404 -10.16 58.43 36.45
C SER A 404 -9.35 57.18 36.16
N VAL A 405 -8.27 57.34 35.40
CA VAL A 405 -7.37 56.23 35.09
C VAL A 405 -5.94 56.72 35.07
N THR A 406 -5.08 56.05 35.82
CA THR A 406 -3.68 56.42 35.89
C THR A 406 -2.81 55.26 35.47
N VAL A 407 -1.60 55.57 35.01
CA VAL A 407 -0.66 54.56 34.58
C VAL A 407 0.70 54.88 35.18
N GLU A 408 1.44 53.86 35.58
CA GLU A 408 2.78 54.05 36.13
C GLU A 408 3.76 53.12 35.47
N VAL A 409 4.74 53.72 34.79
CA VAL A 409 5.77 52.95 34.14
C VAL A 409 6.89 52.77 35.15
N ALA A 410 7.08 51.53 35.60
CA ALA A 410 8.13 51.22 36.56
C ALA A 410 9.32 50.54 35.90
N GLN A 411 10.39 50.34 36.66
CA GLN A 411 11.60 49.68 36.14
C GLN A 411 12.69 49.63 37.20
N VAL A 415 10.11 53.68 39.61
CA VAL A 415 9.07 54.34 38.81
C VAL A 415 9.66 55.42 37.91
N VAL A 416 9.66 55.14 36.62
CA VAL A 416 10.19 56.04 35.61
C VAL A 416 9.20 57.12 35.15
N ASP A 417 7.91 56.78 35.14
CA ASP A 417 6.90 57.72 34.65
C ASP A 417 5.55 57.56 35.33
N THR A 418 4.71 58.59 35.22
CA THR A 418 3.36 58.58 35.77
C THR A 418 2.46 59.31 34.78
N LEU A 419 1.47 58.59 34.25
CA LEU A 419 0.57 59.16 33.25
C LEU A 419 -0.86 59.30 33.73
N ASP A 420 -1.50 60.40 33.35
CA ASP A 420 -2.88 60.68 33.70
C ASP A 420 -3.67 60.47 32.41
N LEU A 421 -4.51 59.45 32.36
CA LEU A 421 -5.22 59.19 31.12
C LEU A 421 -6.54 59.95 30.99
N ALA A 422 -7.03 60.00 29.75
CA ALA A 422 -8.27 60.68 29.43
C ALA A 422 -9.06 59.87 28.40
N TYR A 423 -10.35 59.68 28.69
CA TYR A 423 -11.23 58.91 27.83
C TYR A 423 -11.31 59.45 26.41
N ASP A 424 -11.09 58.58 25.41
CA ASP A 424 -11.15 59.04 24.04
C ASP A 424 -12.60 59.12 23.55
N GLY A 425 -13.53 59.08 24.50
CA GLY A 425 -14.93 59.19 24.14
C GLY A 425 -15.55 58.03 23.38
N ALA A 426 -14.79 57.00 23.09
CA ALA A 426 -15.37 55.88 22.34
C ALA A 426 -15.06 54.51 22.93
N LEU A 427 -13.81 54.29 23.34
CA LEU A 427 -13.45 52.99 23.87
C LEU A 427 -12.36 52.99 24.95
N TRP A 428 -11.22 53.60 24.64
CA TRP A 428 -10.08 53.62 25.54
C TRP A 428 -9.83 54.90 26.32
N TRP A 429 -9.01 54.76 27.36
CA TRP A 429 -8.57 55.89 28.15
C TRP A 429 -7.12 55.93 27.67
N THR A 430 -6.66 57.07 27.17
CA THR A 430 -5.31 57.14 26.64
C THR A 430 -4.40 58.24 27.17
N ALA A 431 -3.18 58.27 26.64
CA ALA A 431 -2.18 59.26 27.00
C ALA A 431 -0.87 58.96 26.27
N PRO A 432 -0.09 60.00 25.94
CA PRO A 432 1.19 59.84 25.24
C PRO A 432 2.26 59.26 26.16
N TRP A 433 3.15 58.45 25.60
CA TRP A 433 4.24 57.86 26.37
C TRP A 433 5.49 57.71 25.52
N SER A 434 6.52 58.47 25.87
CA SER A 434 7.76 58.42 25.14
C SER A 434 8.80 57.71 26.00
N PRO A 435 8.92 56.38 25.85
CA PRO A 435 9.88 55.58 26.62
C PRO A 435 11.28 56.17 26.62
N TYR A 445 9.42 48.69 31.17
CA TYR A 445 9.20 47.33 31.65
C TYR A 445 7.85 47.07 32.33
N THR A 446 7.52 47.82 33.37
CA THR A 446 6.24 47.63 34.06
C THR A 446 5.24 48.76 33.91
N VAL A 447 4.16 48.47 33.20
CA VAL A 447 3.11 49.44 33.01
C VAL A 447 1.96 49.00 33.89
N THR A 448 1.56 49.88 34.80
CA THR A 448 0.48 49.56 35.73
C THR A 448 -0.64 50.58 35.63
N ALA A 449 -1.83 50.10 35.30
CA ALA A 449 -3.01 50.96 35.16
C ALA A 449 -3.90 50.90 36.38
N THR A 450 -4.31 52.07 36.86
CA THR A 450 -5.17 52.15 38.01
C THR A 450 -6.34 53.00 37.57
N ALA A 451 -7.54 52.49 37.75
CA ALA A 451 -8.73 53.21 37.36
C ALA A 451 -9.61 53.35 38.57
N THR A 452 -9.90 54.59 38.96
CA THR A 452 -10.78 54.82 40.10
C THR A 452 -12.19 54.67 39.52
N THR A 453 -12.81 53.53 39.75
CA THR A 453 -14.14 53.32 39.19
C THR A 453 -15.27 53.26 40.16
N ALA A 454 -16.49 53.27 39.61
CA ALA A 454 -17.73 53.22 40.37
C ALA A 454 -17.81 51.90 41.13
N ALA A 455 -17.04 50.92 40.67
CA ALA A 455 -17.02 49.61 41.29
C ALA A 455 -15.79 49.47 42.17
N GLY A 456 -15.12 50.60 42.40
CA GLY A 456 -13.92 50.59 43.21
C GLY A 456 -12.68 50.84 42.40
N THR A 457 -11.53 50.74 43.05
CA THR A 457 -10.28 50.97 42.35
C THR A 457 -9.83 49.66 41.66
N LEU A 458 -9.72 49.68 40.35
CA LEU A 458 -9.28 48.51 39.62
C LEU A 458 -7.91 48.81 39.07
N ASP A 459 -7.01 47.84 39.16
CA ASP A 459 -5.67 48.03 38.63
C ASP A 459 -5.23 46.80 37.84
N VAL A 460 -4.26 47.01 36.96
CA VAL A 460 -3.76 45.93 36.12
C VAL A 460 -2.32 46.24 35.73
N THR A 461 -1.54 45.20 35.48
CA THR A 461 -0.13 45.39 35.11
C THR A 461 0.36 44.53 33.96
N ASN A 462 0.86 45.20 32.92
CA ASN A 462 1.43 44.55 31.73
C ASN A 462 2.94 44.73 31.88
N GLU A 463 3.72 43.80 31.36
CA GLU A 463 5.20 43.84 31.41
C GLU A 463 5.76 43.75 29.99
N VAL A 464 6.49 44.81 29.58
CA VAL A 464 7.03 44.97 28.24
C VAL A 464 8.54 45.15 28.08
N ALA A 465 8.98 45.79 26.99
CA ALA A 465 10.42 45.96 26.79
C ALA A 465 10.77 46.94 25.67
N ALA A 466 11.93 47.60 25.76
CA ALA A 466 12.36 48.59 24.78
C ALA A 466 13.30 48.00 23.72
N ALA A 467 13.58 48.75 22.66
CA ALA A 467 14.45 48.22 21.61
C ALA A 467 15.76 48.98 21.46
N LEU A 468 15.71 50.23 21.43
N THR B 5 -1.67 -29.07 -1.42
CA THR B 5 -0.46 -28.22 -1.58
C THR B 5 0.80 -29.01 -1.91
N ILE B 6 1.41 -28.71 -3.05
CA ILE B 6 2.65 -29.39 -3.45
C ILE B 6 3.70 -28.35 -3.83
N ALA B 7 4.97 -28.77 -3.82
CA ALA B 7 6.08 -27.89 -4.17
C ALA B 7 6.29 -27.91 -5.68
N ILE B 8 6.05 -26.78 -6.34
CA ILE B 8 6.23 -26.71 -7.80
C ILE B 8 7.05 -25.48 -8.17
N VAL B 9 8.10 -25.67 -8.95
CA VAL B 9 8.97 -24.58 -9.37
C VAL B 9 8.23 -23.30 -9.76
N ASP B 10 7.11 -23.44 -10.45
CA ASP B 10 6.34 -22.25 -10.80
C ASP B 10 5.12 -22.15 -9.89
N ALA B 11 5.25 -21.37 -8.83
CA ALA B 11 4.17 -21.19 -7.88
C ALA B 11 2.88 -20.67 -8.52
N ASP B 12 2.99 -20.11 -9.73
CA ASP B 12 1.81 -19.58 -10.42
C ASP B 12 1.38 -20.45 -11.59
N ALA B 13 1.78 -21.71 -11.59
CA ALA B 13 1.42 -22.62 -12.66
C ALA B 13 -0.10 -22.71 -12.75
N THR B 14 -0.59 -23.20 -13.88
CA THR B 14 -2.02 -23.34 -14.09
C THR B 14 -2.56 -24.53 -13.29
N ALA B 15 -3.88 -24.59 -13.16
CA ALA B 15 -4.54 -25.65 -12.40
C ALA B 15 -4.14 -27.04 -12.88
N GLU B 16 -4.24 -27.26 -14.19
CA GLU B 16 -3.89 -28.55 -14.79
C GLU B 16 -2.43 -28.89 -14.59
N THR B 17 -1.56 -27.89 -14.69
CA THR B 17 -0.12 -28.09 -14.49
C THR B 17 0.12 -28.66 -13.10
N ARG B 18 -0.33 -27.93 -12.08
CA ARG B 18 -0.18 -28.36 -10.70
C ARG B 18 -0.83 -29.73 -10.53
N SER B 19 -1.90 -29.94 -11.27
CA SER B 19 -2.60 -31.20 -11.21
C SER B 19 -1.65 -32.31 -11.65
N LEU B 20 -0.95 -32.08 -12.76
CA LEU B 20 -0.02 -33.07 -13.29
C LEU B 20 1.11 -33.44 -12.36
N LEU B 21 1.72 -32.44 -11.73
CA LEU B 21 2.83 -32.70 -10.81
C LEU B 21 2.28 -33.58 -9.69
N SER B 22 1.03 -33.31 -9.34
CA SER B 22 0.34 -34.06 -8.31
C SER B 22 0.10 -35.52 -8.76
N TYR B 23 -0.32 -35.67 -10.02
CA TYR B 23 -0.58 -36.99 -10.61
C TYR B 23 0.73 -37.76 -10.74
N LEU B 24 1.71 -37.13 -11.37
CA LEU B 24 3.02 -37.73 -11.59
C LEU B 24 3.67 -38.24 -10.31
N ASP B 25 3.43 -37.58 -9.18
CA ASP B 25 4.02 -38.05 -7.93
C ASP B 25 3.21 -39.15 -7.29
N GLY B 26 1.89 -39.06 -7.43
CA GLY B 26 1.02 -40.08 -6.86
C GLY B 26 1.12 -41.39 -7.62
N VAL B 27 1.47 -41.30 -8.89
CA VAL B 27 1.57 -42.50 -9.70
C VAL B 27 2.79 -43.33 -9.31
N ARG B 28 3.83 -42.66 -8.80
CA ARG B 28 5.06 -43.36 -8.42
C ARG B 28 4.82 -44.57 -7.55
N GLY B 29 5.33 -45.72 -8.00
CA GLY B 29 5.16 -46.96 -7.26
C GLY B 29 3.91 -47.74 -7.62
N GLU B 30 2.90 -47.05 -8.12
CA GLU B 30 1.64 -47.70 -8.49
C GLU B 30 1.64 -48.16 -9.94
N GLY B 31 2.33 -47.39 -10.78
CA GLY B 31 2.40 -47.71 -12.20
C GLY B 31 3.31 -46.71 -12.90
N ILE B 32 4.09 -47.19 -13.87
CA ILE B 32 4.99 -46.30 -14.58
C ILE B 32 4.46 -46.05 -15.99
N LEU B 33 4.35 -44.78 -16.37
CA LEU B 33 3.85 -44.43 -17.69
C LEU B 33 4.94 -44.63 -18.73
N PHE B 34 4.61 -45.34 -19.81
CA PHE B 34 5.56 -45.57 -20.89
C PHE B 34 5.50 -44.41 -21.86
N GLY B 35 6.66 -43.86 -22.19
CA GLY B 35 6.70 -42.73 -23.10
C GLY B 35 7.45 -43.06 -24.37
N HIS B 36 7.13 -42.34 -25.45
CA HIS B 36 7.79 -42.55 -26.72
C HIS B 36 8.05 -41.25 -27.50
N GLN B 37 9.32 -40.95 -27.74
CA GLN B 37 9.74 -39.74 -28.44
C GLN B 37 9.26 -39.67 -29.89
N HIS B 38 8.60 -38.57 -30.26
CA HIS B 38 8.08 -38.38 -31.62
C HIS B 38 7.15 -39.52 -31.99
N THR B 39 6.43 -40.04 -31.02
CA THR B 39 5.55 -41.18 -31.25
C THR B 39 4.54 -41.05 -32.40
N THR B 40 4.14 -39.83 -32.78
CA THR B 40 3.19 -39.68 -33.88
C THR B 40 3.69 -38.82 -35.03
N SER B 41 4.99 -38.55 -35.06
CA SER B 41 5.60 -37.75 -36.12
C SER B 41 6.68 -38.54 -36.86
N PHE B 42 7.10 -39.65 -36.25
CA PHE B 42 8.12 -40.50 -36.86
C PHE B 42 7.71 -41.95 -36.67
N GLY B 43 7.59 -42.69 -37.76
CA GLY B 43 7.18 -44.08 -37.65
C GLY B 43 7.66 -44.96 -38.76
N LEU B 44 7.50 -46.27 -38.57
CA LEU B 44 7.93 -47.25 -39.55
C LEU B 44 6.74 -48.06 -40.05
N THR B 45 5.65 -48.07 -39.29
CA THR B 45 4.49 -48.82 -39.69
C THR B 45 3.29 -47.92 -39.88
N THR B 46 3.47 -46.63 -39.57
CA THR B 46 2.38 -45.69 -39.68
C THR B 46 2.18 -45.09 -41.04
N GLY B 47 3.26 -44.95 -41.79
CA GLY B 47 3.13 -44.33 -43.10
C GLY B 47 3.39 -42.85 -42.85
N PRO B 48 2.94 -41.93 -43.72
CA PRO B 48 3.18 -40.49 -43.51
C PRO B 48 2.55 -40.00 -42.22
N THR B 49 3.36 -39.49 -41.29
CA THR B 49 2.84 -39.02 -40.02
C THR B 49 2.02 -37.74 -40.16
N ASP B 50 1.16 -37.51 -39.17
CA ASP B 50 0.28 -36.35 -39.12
C ASP B 50 -0.13 -36.08 -37.69
N GLY B 51 0.52 -36.78 -36.76
CA GLY B 51 0.21 -36.58 -35.35
C GLY B 51 -0.94 -37.40 -34.79
N THR B 52 -1.33 -38.47 -35.47
CA THR B 52 -2.42 -39.30 -34.95
C THR B 52 -2.10 -40.79 -34.97
N THR B 53 -1.15 -41.19 -35.81
CA THR B 53 -0.78 -42.59 -35.88
C THR B 53 0.51 -42.76 -35.09
N SER B 54 0.77 -43.99 -34.63
CA SER B 54 1.98 -44.27 -33.87
C SER B 54 2.35 -45.75 -33.92
N ASP B 55 3.64 -46.04 -34.04
CA ASP B 55 4.12 -47.43 -34.08
C ASP B 55 3.74 -48.13 -32.77
N VAL B 56 3.76 -47.39 -31.65
CA VAL B 56 3.38 -47.97 -30.38
C VAL B 56 1.92 -48.37 -30.51
N LYS B 57 1.12 -47.46 -31.05
CA LYS B 57 -0.30 -47.73 -31.26
C LYS B 57 -0.52 -48.96 -32.16
N ASN B 58 0.30 -49.10 -33.19
CA ASN B 58 0.15 -50.22 -34.10
C ASN B 58 0.61 -51.56 -33.57
N VAL B 59 1.62 -51.60 -32.69
CA VAL B 59 2.10 -52.88 -32.18
C VAL B 59 1.53 -53.26 -30.83
N THR B 60 1.09 -52.27 -30.04
CA THR B 60 0.55 -52.57 -28.71
C THR B 60 -0.94 -52.31 -28.54
N GLY B 61 -1.57 -51.56 -29.43
CA GLY B 61 -2.98 -51.30 -29.31
C GLY B 61 -3.41 -50.08 -28.48
N ASP B 62 -2.43 -49.27 -28.09
CA ASP B 62 -2.70 -48.06 -27.32
C ASP B 62 -1.48 -47.16 -27.38
N PHE B 63 -1.71 -45.85 -27.33
CA PHE B 63 -0.62 -44.88 -27.40
C PHE B 63 0.14 -44.87 -26.10
N PRO B 64 1.41 -44.44 -26.15
CA PRO B 64 2.18 -44.39 -24.91
C PRO B 64 1.49 -43.38 -23.99
N ALA B 65 1.72 -43.46 -22.69
CA ALA B 65 1.09 -42.53 -21.78
C ALA B 65 1.80 -41.18 -21.89
N VAL B 66 3.02 -41.21 -22.39
CA VAL B 66 3.81 -40.00 -22.55
C VAL B 66 4.32 -39.81 -23.98
N PHE B 67 4.09 -38.61 -24.51
CA PHE B 67 4.52 -38.25 -25.86
C PHE B 67 5.71 -37.30 -25.76
N GLY B 68 6.86 -37.72 -26.27
CA GLY B 68 8.04 -36.88 -26.22
C GLY B 68 8.29 -36.05 -27.47
N TRP B 69 8.80 -34.84 -27.28
CA TRP B 69 9.10 -33.94 -28.39
C TRP B 69 10.43 -33.27 -28.12
N ASP B 70 10.89 -32.47 -29.07
CA ASP B 70 12.15 -31.77 -28.90
C ASP B 70 12.11 -30.45 -29.67
N THR B 71 12.88 -29.46 -29.20
CA THR B 71 12.90 -28.17 -29.87
C THR B 71 13.42 -28.26 -31.31
N LEU B 72 14.06 -29.37 -31.64
CA LEU B 72 14.54 -29.57 -33.01
C LEU B 72 13.38 -29.33 -33.98
N ILE B 73 12.16 -29.57 -33.50
CA ILE B 73 10.99 -29.36 -34.34
C ILE B 73 10.99 -27.90 -34.77
N ILE B 74 11.07 -26.99 -33.82
CA ILE B 74 11.08 -25.57 -34.14
C ILE B 74 12.20 -25.26 -35.13
N GLU B 75 13.35 -25.89 -34.90
CA GLU B 75 14.51 -25.69 -35.76
C GLU B 75 14.22 -26.19 -37.17
N GLY B 76 13.24 -27.07 -37.29
CA GLY B 76 12.87 -27.61 -38.59
C GLY B 76 13.57 -28.91 -38.94
N ASN B 77 14.29 -29.48 -37.98
CA ASN B 77 15.04 -30.70 -38.19
C ASN B 77 14.30 -32.00 -37.90
N GLU B 78 13.29 -31.95 -37.04
CA GLU B 78 12.51 -33.15 -36.75
C GLU B 78 11.05 -32.81 -37.03
N ARG B 79 10.38 -33.66 -37.80
CA ARG B 79 8.99 -33.42 -38.13
C ARG B 79 8.16 -33.32 -36.86
N PRO B 80 7.00 -32.63 -36.92
CA PRO B 80 6.37 -31.99 -38.08
C PRO B 80 7.11 -30.74 -38.56
N GLY B 81 8.17 -30.37 -37.87
CA GLY B 81 8.93 -29.21 -38.29
C GLY B 81 9.53 -29.46 -39.67
N LEU B 82 9.66 -28.41 -40.46
CA LEU B 82 10.25 -28.53 -41.79
C LEU B 82 11.29 -27.43 -41.97
N ALA B 83 12.40 -27.78 -42.61
CA ALA B 83 13.46 -26.82 -42.85
C ALA B 83 12.86 -25.58 -43.51
N GLU B 84 12.13 -25.77 -44.60
CA GLU B 84 11.51 -24.67 -45.33
C GLU B 84 10.75 -23.71 -44.43
N ASN B 85 9.78 -24.24 -43.67
CA ASN B 85 8.97 -23.42 -42.79
C ASN B 85 9.76 -22.43 -41.96
N THR B 86 9.10 -21.35 -41.54
CA THR B 86 9.73 -20.35 -40.70
C THR B 86 9.54 -20.94 -39.30
N ARG B 87 10.40 -20.56 -38.37
CA ARG B 87 10.27 -21.12 -37.03
C ARG B 87 8.87 -20.92 -36.50
N ASP B 88 8.25 -19.81 -36.89
CA ASP B 88 6.90 -19.53 -36.42
C ASP B 88 5.86 -20.51 -36.93
N GLU B 89 6.10 -21.15 -38.08
CA GLU B 89 5.12 -22.11 -38.58
C GLU B 89 5.34 -23.45 -37.91
N ASN B 90 6.60 -23.80 -37.69
CA ASN B 90 6.94 -25.06 -37.05
C ASN B 90 6.39 -25.06 -35.64
N ILE B 91 6.46 -23.91 -34.99
CA ILE B 91 5.93 -23.79 -33.63
C ILE B 91 4.44 -24.12 -33.64
N ALA B 92 3.76 -23.73 -34.71
CA ALA B 92 2.33 -23.98 -34.85
C ALA B 92 2.03 -25.48 -35.01
N LEU B 93 2.90 -26.16 -35.76
CA LEU B 93 2.77 -27.61 -36.00
C LEU B 93 3.05 -28.40 -34.72
N PHE B 94 4.03 -27.93 -33.97
CA PHE B 94 4.43 -28.55 -32.73
C PHE B 94 3.22 -28.49 -31.79
N ALA B 95 2.62 -27.31 -31.66
CA ALA B 95 1.47 -27.12 -30.78
C ALA B 95 0.30 -27.99 -31.21
N ASP B 96 0.12 -28.15 -32.52
CA ASP B 96 -0.96 -28.97 -33.04
C ASP B 96 -0.74 -30.41 -32.57
N TYR B 97 0.48 -30.89 -32.72
CA TYR B 97 0.81 -32.23 -32.29
C TYR B 97 0.60 -32.39 -30.78
N ILE B 98 1.02 -31.38 -30.02
CA ILE B 98 0.86 -31.39 -28.58
C ILE B 98 -0.64 -31.45 -28.26
N ARG B 99 -1.45 -30.80 -29.07
CA ARG B 99 -2.90 -30.81 -28.88
C ARG B 99 -3.44 -32.22 -29.14
N LYS B 100 -3.10 -32.79 -30.29
CA LYS B 100 -3.59 -34.12 -30.61
C LYS B 100 -3.15 -35.14 -29.56
N ALA B 101 -1.95 -34.98 -29.02
CA ALA B 101 -1.47 -35.89 -28.00
C ALA B 101 -2.41 -35.81 -26.80
N ASP B 102 -2.59 -34.59 -26.28
CA ASP B 102 -3.47 -34.37 -25.15
C ASP B 102 -4.88 -34.87 -25.46
N ALA B 103 -5.29 -34.71 -26.71
CA ALA B 103 -6.61 -35.16 -27.09
C ALA B 103 -6.63 -36.68 -26.96
N ILE B 104 -5.56 -37.34 -27.41
CA ILE B 104 -5.47 -38.80 -27.34
C ILE B 104 -5.56 -39.20 -25.87
N GLY B 105 -5.17 -38.28 -24.99
CA GLY B 105 -5.23 -38.56 -23.57
C GLY B 105 -3.85 -38.71 -22.97
N GLY B 106 -2.83 -38.32 -23.72
CA GLY B 106 -1.47 -38.46 -23.24
C GLY B 106 -0.90 -37.26 -22.51
N VAL B 107 0.28 -37.49 -21.92
CA VAL B 107 1.03 -36.48 -21.19
C VAL B 107 2.18 -36.06 -22.08
N ASN B 108 2.39 -34.75 -22.20
CA ASN B 108 3.45 -34.24 -23.06
C ASN B 108 4.76 -33.89 -22.36
N THR B 109 5.89 -34.23 -22.99
CA THR B 109 7.20 -33.86 -22.44
C THR B 109 8.01 -33.26 -23.57
N VAL B 110 8.97 -32.39 -23.26
CA VAL B 110 9.77 -31.78 -24.32
C VAL B 110 11.24 -31.64 -23.93
N SER B 111 12.12 -32.07 -24.83
CA SER B 111 13.56 -31.96 -24.60
C SER B 111 14.06 -30.92 -25.59
N ALA B 112 15.33 -30.54 -25.49
CA ALA B 112 15.86 -29.54 -26.39
C ALA B 112 17.29 -29.82 -26.79
N HIS B 113 17.46 -30.38 -28.00
CA HIS B 113 18.79 -30.67 -28.54
C HIS B 113 19.18 -29.39 -29.27
N VAL B 114 19.36 -28.35 -28.45
CA VAL B 114 19.71 -27.02 -28.91
C VAL B 114 20.92 -26.93 -29.82
N GLU B 115 20.73 -26.15 -30.87
CA GLU B 115 21.76 -25.93 -31.87
C GLU B 115 22.95 -25.18 -31.26
N ASN B 116 24.13 -25.41 -31.81
CA ASN B 116 25.32 -24.74 -31.32
C ASN B 116 25.37 -23.33 -31.90
N PHE B 117 24.74 -22.38 -31.21
CA PHE B 117 24.70 -20.99 -31.65
C PHE B 117 26.03 -20.46 -32.15
N VAL B 118 27.09 -20.68 -31.38
CA VAL B 118 28.39 -20.18 -31.77
C VAL B 118 28.90 -20.63 -33.14
N THR B 119 28.87 -21.92 -33.40
CA THR B 119 29.40 -22.43 -34.66
C THR B 119 28.42 -22.75 -35.79
N GLY B 120 27.13 -22.70 -35.52
CA GLY B 120 26.17 -23.04 -36.56
C GLY B 120 26.01 -24.54 -36.65
N GLY B 121 26.79 -25.26 -35.86
CA GLY B 121 26.72 -26.71 -35.86
C GLY B 121 25.52 -27.22 -35.08
N SER B 122 25.49 -28.54 -34.85
CA SER B 122 24.39 -29.16 -34.12
C SER B 122 24.78 -29.34 -32.67
N PHE B 123 23.85 -29.86 -31.89
CA PHE B 123 24.06 -30.09 -30.47
C PHE B 123 25.25 -31.01 -30.26
N TYR B 124 25.57 -31.81 -31.28
CA TYR B 124 26.70 -32.72 -31.19
C TYR B 124 28.03 -32.01 -31.42
N ASP B 125 27.98 -30.83 -32.02
CA ASP B 125 29.20 -30.05 -32.24
C ASP B 125 29.57 -29.42 -30.90
N THR B 126 30.64 -29.91 -30.26
CA THR B 126 31.01 -29.37 -28.96
C THR B 126 32.14 -28.34 -28.98
N SER B 127 32.20 -27.55 -30.05
CA SER B 127 33.22 -26.52 -30.16
C SER B 127 32.58 -25.14 -30.03
N GLY B 128 33.42 -24.11 -30.01
CA GLY B 128 32.92 -22.74 -29.93
C GLY B 128 32.72 -22.16 -28.54
N ASP B 129 32.86 -23.00 -27.51
CA ASP B 129 32.68 -22.56 -26.12
C ASP B 129 31.26 -22.03 -25.92
N THR B 130 30.34 -22.63 -26.65
CA THR B 130 28.94 -22.24 -26.63
C THR B 130 28.27 -22.18 -25.26
N LEU B 131 28.65 -23.08 -24.34
CA LEU B 131 28.05 -23.08 -23.01
C LEU B 131 28.27 -21.72 -22.38
N ARG B 132 29.55 -21.37 -22.24
CA ARG B 132 29.94 -20.11 -21.63
C ARG B 132 29.61 -18.87 -22.45
N ALA B 133 29.46 -19.02 -23.76
CA ALA B 133 29.15 -17.88 -24.61
C ALA B 133 27.66 -17.58 -24.55
N VAL B 134 26.91 -18.48 -23.94
CA VAL B 134 25.47 -18.34 -23.86
C VAL B 134 24.95 -17.90 -22.50
N LEU B 135 25.78 -18.04 -21.46
CA LEU B 135 25.43 -17.67 -20.08
C LEU B 135 25.24 -16.16 -19.91
N PRO B 136 24.64 -15.73 -18.80
CA PRO B 136 24.43 -14.29 -18.57
C PRO B 136 25.74 -13.51 -18.81
N GLY B 137 25.68 -12.47 -19.64
CA GLY B 137 26.88 -11.70 -19.92
C GLY B 137 27.73 -12.33 -21.03
N GLY B 138 27.24 -13.44 -21.59
CA GLY B 138 27.96 -14.14 -22.63
C GLY B 138 27.85 -13.49 -23.99
N SER B 139 28.84 -13.75 -24.85
CA SER B 139 28.90 -13.18 -26.19
C SER B 139 27.76 -13.61 -27.13
N HIS B 140 27.03 -14.64 -26.74
CA HIS B 140 25.91 -15.13 -27.55
C HIS B 140 24.66 -15.26 -26.71
N HIS B 141 24.65 -14.62 -25.54
CA HIS B 141 23.49 -14.70 -24.65
C HIS B 141 22.16 -14.41 -25.37
N ALA B 142 22.16 -13.37 -26.21
CA ALA B 142 20.96 -12.98 -26.95
C ALA B 142 20.40 -14.10 -27.82
N GLU B 143 21.29 -14.93 -28.35
CA GLU B 143 20.89 -16.05 -29.20
C GLU B 143 20.02 -16.98 -28.38
N LEU B 144 20.53 -17.35 -27.21
CA LEU B 144 19.81 -18.23 -26.31
C LEU B 144 18.48 -17.57 -25.97
N VAL B 145 18.52 -16.29 -25.63
CA VAL B 145 17.31 -15.56 -25.28
C VAL B 145 16.27 -15.72 -26.40
N ALA B 146 16.71 -15.48 -27.64
CA ALA B 146 15.86 -15.62 -28.81
C ALA B 146 15.27 -17.03 -28.89
N TYR B 147 16.12 -18.03 -28.68
CA TYR B 147 15.68 -19.42 -28.73
C TYR B 147 14.63 -19.70 -27.65
N LEU B 148 14.88 -19.22 -26.43
CA LEU B 148 13.95 -19.44 -25.34
C LEU B 148 12.61 -18.77 -25.63
N ASP B 149 12.65 -17.67 -26.38
CA ASP B 149 11.42 -16.96 -26.73
C ASP B 149 10.54 -17.83 -27.59
N ASP B 150 11.16 -18.59 -28.49
CA ASP B 150 10.39 -19.45 -29.36
C ASP B 150 9.80 -20.59 -28.52
N ILE B 151 10.48 -20.92 -27.43
CA ILE B 151 10.02 -21.97 -26.53
C ILE B 151 8.84 -21.44 -25.73
N ALA B 152 8.82 -20.14 -25.49
CA ALA B 152 7.73 -19.50 -24.76
C ALA B 152 6.52 -19.43 -25.69
N GLU B 153 6.78 -19.27 -26.99
CA GLU B 153 5.70 -19.24 -27.98
C GLU B 153 5.01 -20.59 -27.92
N LEU B 154 5.81 -21.64 -28.01
CA LEU B 154 5.28 -23.00 -27.99
C LEU B 154 4.48 -23.26 -26.73
N ALA B 155 4.97 -22.76 -25.60
CA ALA B 155 4.26 -22.98 -24.36
C ALA B 155 2.86 -22.40 -24.50
N ASP B 156 2.79 -21.16 -24.97
CA ASP B 156 1.51 -20.47 -25.12
C ASP B 156 0.61 -21.01 -26.20
N ALA B 157 1.17 -21.56 -27.27
CA ALA B 157 0.33 -22.08 -28.33
C ALA B 157 -0.25 -23.43 -27.94
N SER B 158 0.34 -24.08 -26.95
CA SER B 158 -0.13 -25.38 -26.50
C SER B 158 -1.40 -25.28 -25.66
N ARG B 159 -2.53 -25.11 -26.34
CA ARG B 159 -3.83 -24.97 -25.68
C ARG B 159 -4.89 -25.88 -26.28
N ARG B 160 -5.86 -26.26 -25.45
CA ARG B 160 -6.98 -27.07 -25.89
C ARG B 160 -7.91 -26.13 -26.63
N ASP B 161 -8.90 -26.69 -27.31
CA ASP B 161 -9.84 -25.87 -28.05
C ASP B 161 -10.51 -24.84 -27.15
N ASP B 162 -10.61 -25.16 -25.86
CA ASP B 162 -11.24 -24.23 -24.92
C ASP B 162 -10.22 -23.19 -24.47
N GLY B 163 -9.06 -23.21 -25.11
CA GLY B 163 -8.00 -22.28 -24.76
C GLY B 163 -7.17 -22.65 -23.54
N THR B 164 -7.51 -23.77 -22.91
CA THR B 164 -6.78 -24.25 -21.72
C THR B 164 -5.35 -24.67 -22.03
N LEU B 165 -4.40 -24.10 -21.30
CA LEU B 165 -3.01 -24.43 -21.51
C LEU B 165 -2.66 -25.88 -21.21
N ILE B 166 -2.05 -26.55 -22.18
CA ILE B 166 -1.62 -27.93 -22.02
C ILE B 166 -0.33 -28.00 -21.19
N PRO B 167 -0.33 -28.78 -20.10
CA PRO B 167 0.89 -28.87 -19.29
C PRO B 167 2.00 -29.51 -20.11
N ILE B 168 3.24 -29.09 -19.90
CA ILE B 168 4.37 -29.65 -20.62
C ILE B 168 5.56 -29.81 -19.68
N VAL B 169 6.13 -31.02 -19.65
CA VAL B 169 7.29 -31.30 -18.81
C VAL B 169 8.51 -30.92 -19.64
N PHE B 170 9.10 -29.77 -19.32
CA PHE B 170 10.26 -29.27 -20.04
C PHE B 170 11.59 -29.83 -19.50
N ARG B 171 12.34 -30.52 -20.34
CA ARG B 171 13.63 -31.10 -19.93
C ARG B 171 14.81 -30.52 -20.71
N PRO B 172 15.29 -29.33 -20.30
CA PRO B 172 16.39 -28.61 -20.92
C PRO B 172 17.78 -29.04 -20.49
N TRP B 173 18.74 -28.87 -21.39
CA TRP B 173 20.15 -29.19 -21.12
C TRP B 173 20.33 -30.53 -20.40
N HIS B 174 19.91 -31.61 -21.04
CA HIS B 174 20.02 -32.93 -20.42
C HIS B 174 21.35 -33.62 -20.63
N GLU B 175 21.62 -34.61 -19.79
CA GLU B 175 22.85 -35.37 -19.89
C GLU B 175 24.11 -34.52 -19.89
N ASN B 176 24.13 -33.49 -19.06
CA ASN B 176 25.31 -32.63 -18.99
C ASN B 176 26.50 -33.34 -18.36
N ALA B 177 26.26 -34.39 -17.57
CA ALA B 177 27.34 -35.14 -16.96
C ALA B 177 28.34 -35.57 -18.04
N GLY B 178 27.83 -36.05 -19.18
CA GLY B 178 28.70 -36.45 -20.27
C GLY B 178 29.12 -35.23 -21.10
N SER B 179 29.89 -35.44 -22.17
CA SER B 179 30.33 -34.30 -22.97
C SER B 179 30.04 -34.39 -24.46
N TRP B 180 29.02 -35.14 -24.84
CA TRP B 180 28.67 -35.28 -26.25
C TRP B 180 27.77 -34.12 -26.73
N PHE B 181 27.40 -33.24 -25.81
CA PHE B 181 26.61 -32.04 -26.13
C PHE B 181 27.46 -30.83 -25.74
N TRP B 182 27.29 -29.70 -26.42
CA TRP B 182 28.10 -28.54 -26.09
C TRP B 182 27.85 -27.98 -24.70
N TRP B 183 26.75 -28.38 -24.06
CA TRP B 183 26.47 -27.90 -22.71
C TRP B 183 26.90 -28.93 -21.65
N GLY B 184 27.80 -29.83 -22.05
CA GLY B 184 28.28 -30.87 -21.17
C GLY B 184 29.39 -30.51 -20.20
N ALA B 185 29.73 -31.46 -19.35
CA ALA B 185 30.74 -31.31 -18.30
C ALA B 185 32.08 -30.79 -18.74
N ALA B 186 32.55 -31.20 -19.92
CA ALA B 186 33.86 -30.75 -20.38
C ALA B 186 33.89 -29.33 -20.92
N TYR B 187 32.74 -28.64 -20.89
CA TYR B 187 32.68 -27.29 -21.43
C TYR B 187 32.17 -26.22 -20.47
N GLY B 188 32.10 -26.56 -19.19
CA GLY B 188 31.65 -25.61 -18.19
C GLY B 188 31.72 -26.28 -16.83
N SER B 189 31.88 -25.49 -15.78
CA SER B 189 31.94 -26.04 -14.43
C SER B 189 30.52 -26.37 -13.95
N PRO B 190 30.40 -27.14 -12.86
CA PRO B 190 29.05 -27.45 -12.36
C PRO B 190 28.30 -26.14 -12.18
N GLY B 191 29.01 -25.14 -11.69
CA GLY B 191 28.43 -23.84 -11.45
C GLY B 191 27.97 -23.17 -12.74
N GLU B 192 28.80 -23.19 -13.77
CA GLU B 192 28.41 -22.56 -15.03
C GLU B 192 27.16 -23.23 -15.59
N TYR B 193 27.06 -24.55 -15.44
CA TYR B 193 25.91 -25.29 -15.91
C TYR B 193 24.67 -24.82 -15.16
N GLN B 194 24.78 -24.79 -13.84
CA GLN B 194 23.67 -24.38 -12.99
C GLN B 194 23.10 -23.02 -13.37
N GLU B 195 23.96 -22.04 -13.57
CA GLU B 195 23.48 -20.72 -13.96
C GLU B 195 22.77 -20.86 -15.30
N LEU B 196 23.28 -21.76 -16.15
CA LEU B 196 22.63 -21.93 -17.44
C LEU B 196 21.20 -22.42 -17.23
N TYR B 197 21.02 -23.45 -16.40
CA TYR B 197 19.69 -24.00 -16.14
C TYR B 197 18.82 -22.98 -15.45
N ARG B 198 19.34 -22.37 -14.39
CA ARG B 198 18.58 -21.40 -13.64
C ARG B 198 18.13 -20.22 -14.51
N PHE B 199 19.01 -19.68 -15.34
CA PHE B 199 18.59 -18.56 -16.18
C PHE B 199 17.49 -19.04 -17.11
N THR B 200 17.53 -20.31 -17.48
CA THR B 200 16.52 -20.84 -18.37
C THR B 200 15.17 -20.81 -17.67
N VAL B 201 15.11 -21.41 -16.48
CA VAL B 201 13.86 -21.45 -15.73
C VAL B 201 13.31 -20.03 -15.48
N GLU B 202 14.17 -19.15 -14.98
CA GLU B 202 13.76 -17.79 -14.66
C GLU B 202 13.34 -16.96 -15.85
N TYR B 203 14.02 -17.13 -16.98
CA TYR B 203 13.66 -16.36 -18.16
C TYR B 203 12.24 -16.73 -18.63
N LEU B 204 11.96 -18.03 -18.65
CA LEU B 204 10.66 -18.51 -19.11
C LEU B 204 9.55 -18.23 -18.10
N ARG B 205 9.80 -18.55 -16.84
CA ARG B 205 8.81 -18.35 -15.80
C ARG B 205 8.62 -16.87 -15.46
N ASP B 206 9.69 -16.26 -14.95
CA ASP B 206 9.69 -14.86 -14.53
C ASP B 206 9.64 -13.79 -15.63
N VAL B 207 10.39 -13.99 -16.70
CA VAL B 207 10.41 -13.02 -17.78
C VAL B 207 9.31 -13.21 -18.83
N LYS B 208 9.13 -14.45 -19.30
CA LYS B 208 8.11 -14.74 -20.32
C LYS B 208 6.73 -15.06 -19.79
N GLY B 209 6.65 -15.39 -18.51
CA GLY B 209 5.37 -15.73 -17.90
C GLY B 209 4.79 -17.10 -18.15
N VAL B 210 5.57 -18.01 -18.73
CA VAL B 210 5.09 -19.36 -18.99
C VAL B 210 4.47 -19.85 -17.70
N SER B 211 3.34 -20.54 -17.78
CA SER B 211 2.70 -21.05 -16.57
C SER B 211 2.25 -22.49 -16.69
N ASN B 212 2.61 -23.15 -17.77
CA ASN B 212 2.25 -24.54 -17.99
C ASN B 212 3.49 -25.44 -18.21
N PHE B 213 4.55 -25.16 -17.46
CA PHE B 213 5.80 -25.93 -17.54
C PHE B 213 6.19 -26.50 -16.18
N LEU B 214 6.61 -27.74 -16.18
CA LEU B 214 7.08 -28.40 -14.98
C LEU B 214 8.49 -28.64 -15.47
N TYR B 215 9.48 -28.13 -14.74
CA TYR B 215 10.85 -28.29 -15.20
C TYR B 215 11.50 -29.60 -14.76
N ALA B 216 12.16 -30.25 -15.71
CA ALA B 216 12.83 -31.51 -15.44
C ALA B 216 14.35 -31.38 -15.61
N TRP B 217 15.09 -32.12 -14.80
CA TRP B 217 16.54 -32.08 -14.85
C TRP B 217 17.06 -33.50 -14.75
N GLY B 218 17.84 -33.89 -15.75
CA GLY B 218 18.40 -35.23 -15.79
C GLY B 218 19.82 -35.17 -16.30
N PRO B 219 20.81 -35.17 -15.39
CA PRO B 219 22.26 -35.11 -15.67
C PRO B 219 22.82 -36.22 -16.54
N GLY B 220 22.25 -37.42 -16.43
CA GLY B 220 22.72 -38.53 -17.22
C GLY B 220 22.35 -39.87 -16.61
N GLY B 221 23.33 -40.75 -16.44
CA GLY B 221 23.07 -42.06 -15.86
C GLY B 221 24.36 -42.78 -15.51
N GLY B 222 24.24 -43.95 -14.91
CA GLY B 222 25.40 -44.74 -14.54
C GLY B 222 26.14 -44.05 -13.40
N PHE B 223 25.41 -43.77 -12.33
CA PHE B 223 25.98 -43.09 -11.19
C PHE B 223 26.34 -44.08 -10.08
N GLY B 224 25.88 -45.32 -10.21
CA GLY B 224 26.15 -46.30 -9.19
C GLY B 224 25.43 -45.91 -7.91
N GLY B 225 24.39 -45.09 -8.06
CA GLY B 225 23.61 -44.63 -6.92
C GLY B 225 24.33 -43.65 -6.02
N ASN B 226 25.34 -42.98 -6.57
CA ASN B 226 26.11 -41.99 -5.81
C ASN B 226 25.41 -40.64 -5.79
N ARG B 227 24.73 -40.35 -4.69
CA ARG B 227 24.00 -39.09 -4.52
C ARG B 227 24.94 -37.93 -4.87
N ASP B 228 26.14 -37.96 -4.29
CA ASP B 228 27.15 -36.93 -4.47
C ASP B 228 27.42 -36.53 -5.90
N VAL B 229 27.80 -37.49 -6.72
CA VAL B 229 28.08 -37.22 -8.13
C VAL B 229 26.82 -36.75 -8.85
N TYR B 230 25.75 -37.53 -8.73
CA TYR B 230 24.47 -37.20 -9.36
C TYR B 230 24.06 -35.74 -9.18
N LEU B 231 24.03 -35.28 -7.92
CA LEU B 231 23.65 -33.91 -7.58
C LEU B 231 24.67 -32.80 -7.87
N ARG B 232 25.93 -33.15 -8.09
CA ARG B 232 26.94 -32.14 -8.35
C ARG B 232 26.45 -31.03 -9.29
N THR B 233 25.54 -31.39 -10.18
CA THR B 233 25.00 -30.50 -11.19
C THR B 233 23.64 -29.88 -10.86
N TYR B 234 22.94 -30.47 -9.89
CA TYR B 234 21.62 -30.03 -9.47
C TYR B 234 21.41 -28.51 -9.42
N PRO B 235 20.45 -28.00 -10.19
CA PRO B 235 20.16 -26.57 -10.21
C PRO B 235 19.61 -26.10 -8.88
N GLY B 236 19.14 -27.05 -8.06
CA GLY B 236 18.57 -26.71 -6.77
C GLY B 236 17.06 -26.83 -6.74
N ASP B 237 16.53 -27.07 -5.53
CA ASP B 237 15.10 -27.27 -5.32
C ASP B 237 14.14 -26.23 -5.90
N ALA B 238 14.57 -24.97 -6.02
CA ALA B 238 13.70 -23.93 -6.56
C ALA B 238 13.72 -23.85 -8.09
N PHE B 239 14.31 -24.86 -8.73
CA PHE B 239 14.40 -24.88 -10.20
C PHE B 239 13.98 -26.19 -10.84
N VAL B 240 13.88 -27.25 -10.03
CA VAL B 240 13.51 -28.55 -10.55
C VAL B 240 12.27 -29.17 -9.94
N ASP B 241 11.41 -29.66 -10.82
CA ASP B 241 10.16 -30.34 -10.43
C ASP B 241 10.38 -31.85 -10.55
N VAL B 242 11.03 -32.27 -11.63
CA VAL B 242 11.28 -33.68 -11.93
C VAL B 242 12.75 -34.08 -12.00
N LEU B 243 13.14 -35.07 -11.20
CA LEU B 243 14.52 -35.55 -11.21
C LEU B 243 14.59 -36.76 -12.13
N GLY B 244 15.34 -36.64 -13.22
CA GLY B 244 15.43 -37.73 -14.17
C GLY B 244 16.70 -38.55 -14.18
N LEU B 245 16.74 -39.53 -15.09
CA LEU B 245 17.85 -40.46 -15.26
C LEU B 245 17.78 -40.96 -16.70
N ASP B 246 18.89 -40.92 -17.43
CA ASP B 246 18.96 -41.37 -18.82
C ASP B 246 19.96 -42.52 -18.95
N THR B 247 19.47 -43.71 -19.31
CA THR B 247 20.35 -44.86 -19.44
C THR B 247 19.98 -45.88 -20.51
N TYR B 248 20.91 -46.10 -21.45
CA TYR B 248 20.71 -47.07 -22.52
C TYR B 248 21.75 -48.18 -22.34
N ASP B 249 21.34 -49.39 -22.64
CA ASP B 249 22.21 -50.54 -22.50
C ASP B 249 21.93 -51.48 -23.65
N SER B 250 22.88 -52.37 -23.93
CA SER B 250 22.66 -53.32 -25.01
C SER B 250 23.33 -54.63 -24.65
N THR B 251 23.21 -55.01 -23.37
CA THR B 251 23.81 -56.24 -22.87
C THR B 251 22.86 -57.04 -21.98
N GLY B 252 21.87 -56.36 -21.40
CA GLY B 252 20.93 -57.06 -20.54
C GLY B 252 21.63 -57.77 -19.39
N SER B 253 22.91 -57.47 -19.21
CA SER B 253 23.70 -58.10 -18.15
C SER B 253 23.09 -57.80 -16.80
N ASP B 254 23.42 -58.64 -15.81
CA ASP B 254 22.92 -58.43 -14.46
C ASP B 254 23.62 -57.19 -13.93
N ALA B 255 24.91 -57.07 -14.28
CA ALA B 255 25.70 -55.92 -13.85
C ALA B 255 24.95 -54.65 -14.26
N PHE B 256 24.56 -54.57 -15.53
CA PHE B 256 23.83 -53.40 -16.02
C PHE B 256 22.59 -53.17 -15.18
N LEU B 257 21.76 -54.21 -15.08
CA LEU B 257 20.54 -54.11 -14.32
C LEU B 257 20.76 -53.69 -12.87
N ALA B 258 21.79 -54.22 -12.23
CA ALA B 258 22.06 -53.86 -10.84
C ALA B 258 22.32 -52.36 -10.73
N GLY B 259 23.16 -51.86 -11.64
CA GLY B 259 23.48 -50.46 -11.64
C GLY B 259 22.25 -49.64 -11.95
N LEU B 260 21.42 -50.10 -12.89
CA LEU B 260 20.23 -49.34 -13.22
C LEU B 260 19.29 -49.26 -12.01
N VAL B 261 19.12 -50.38 -11.31
CA VAL B 261 18.26 -50.40 -10.13
C VAL B 261 18.81 -49.49 -9.04
N ALA B 262 20.13 -49.35 -9.01
CA ALA B 262 20.79 -48.49 -8.02
C ALA B 262 20.48 -47.02 -8.31
N ASP B 263 20.62 -46.62 -9.57
CA ASP B 263 20.33 -45.24 -9.98
C ASP B 263 18.85 -44.93 -9.78
N LEU B 264 17.99 -45.86 -10.17
CA LEU B 264 16.56 -45.63 -10.05
C LEU B 264 16.11 -45.50 -8.61
N ARG B 265 16.65 -46.32 -7.70
CA ARG B 265 16.22 -46.18 -6.31
C ARG B 265 16.82 -44.93 -5.68
N MET B 266 17.93 -44.46 -6.23
CA MET B 266 18.56 -43.24 -5.72
C MET B 266 17.64 -42.05 -6.01
N ILE B 267 17.52 -41.70 -7.28
CA ILE B 267 16.68 -40.59 -7.70
C ILE B 267 15.33 -40.63 -6.98
N ALA B 268 14.81 -41.84 -6.75
CA ALA B 268 13.53 -42.01 -6.06
C ALA B 268 13.60 -41.47 -4.63
N GLU B 269 14.69 -41.81 -3.93
CA GLU B 269 14.87 -41.34 -2.56
C GLU B 269 15.01 -39.83 -2.55
N ILE B 270 15.99 -39.30 -3.31
CA ILE B 270 16.18 -37.85 -3.36
C ILE B 270 14.84 -37.16 -3.63
N ALA B 271 14.07 -37.70 -4.56
CA ALA B 271 12.77 -37.15 -4.89
C ALA B 271 11.88 -37.11 -3.65
N ASP B 272 11.76 -38.23 -2.96
CA ASP B 272 10.93 -38.31 -1.75
C ASP B 272 11.35 -37.29 -0.69
N GLU B 273 12.65 -37.23 -0.42
CA GLU B 273 13.17 -36.29 0.55
C GLU B 273 12.84 -34.86 0.14
N LYS B 274 13.03 -34.55 -1.14
CA LYS B 274 12.78 -33.20 -1.62
C LYS B 274 11.31 -32.88 -1.90
N GLY B 275 10.44 -33.88 -1.81
CA GLY B 275 9.03 -33.63 -2.07
C GLY B 275 8.81 -33.32 -3.54
N LYS B 276 9.54 -34.02 -4.40
CA LYS B 276 9.43 -33.81 -5.83
C LYS B 276 9.19 -35.15 -6.52
N VAL B 277 9.20 -35.12 -7.85
CA VAL B 277 8.98 -36.31 -8.66
C VAL B 277 10.26 -36.86 -9.31
N SER B 278 10.32 -38.18 -9.49
CA SER B 278 11.48 -38.79 -10.12
C SER B 278 10.99 -39.68 -11.26
N ALA B 279 11.76 -39.72 -12.35
CA ALA B 279 11.36 -40.55 -13.48
C ALA B 279 12.55 -41.02 -14.29
N PHE B 280 12.33 -42.12 -15.02
CA PHE B 280 13.35 -42.71 -15.90
C PHE B 280 13.10 -41.92 -17.21
N THR B 281 13.65 -40.71 -17.26
CA THR B 281 13.47 -39.79 -18.40
C THR B 281 13.84 -40.29 -19.78
N GLU B 282 14.79 -41.20 -19.85
CA GLU B 282 15.22 -41.79 -21.12
C GLU B 282 15.79 -43.17 -20.85
N PHE B 283 15.40 -44.14 -21.68
CA PHE B 283 15.88 -45.51 -21.54
C PHE B 283 15.73 -46.23 -22.88
N GLY B 284 16.37 -47.39 -22.98
CA GLY B 284 16.26 -48.16 -24.19
C GLY B 284 17.57 -48.81 -24.56
N VAL B 285 17.47 -49.77 -25.47
CA VAL B 285 18.64 -50.49 -25.96
C VAL B 285 19.54 -49.49 -26.69
N SER B 286 20.84 -49.57 -26.42
CA SER B 286 21.82 -48.69 -27.04
C SER B 286 21.79 -48.81 -28.56
N GLY B 287 21.83 -47.67 -29.25
CA GLY B 287 21.82 -47.65 -30.70
C GLY B 287 20.49 -48.06 -31.28
N GLY B 288 19.52 -48.26 -30.39
CA GLY B 288 18.21 -48.67 -30.85
C GLY B 288 18.09 -50.17 -30.92
N VAL B 289 16.96 -50.62 -31.47
CA VAL B 289 16.67 -52.04 -31.59
C VAL B 289 16.49 -52.46 -33.05
N GLY B 290 17.01 -51.62 -33.95
CA GLY B 290 16.89 -51.89 -35.38
C GLY B 290 18.21 -52.17 -36.11
N THR B 291 18.15 -52.23 -37.43
CA THR B 291 19.30 -52.51 -38.29
C THR B 291 20.67 -52.19 -37.73
N ASN B 292 20.84 -51.01 -37.17
CA ASN B 292 22.14 -50.64 -36.63
C ASN B 292 22.18 -50.69 -35.11
N GLY B 293 21.13 -51.22 -34.51
CA GLY B 293 21.05 -51.32 -33.07
C GLY B 293 21.36 -52.74 -32.64
N SER B 294 20.73 -53.17 -31.56
CA SER B 294 20.98 -54.52 -31.04
C SER B 294 19.70 -55.16 -30.50
N SER B 295 19.68 -56.48 -30.48
CA SER B 295 18.53 -57.23 -29.98
C SER B 295 18.87 -58.08 -28.75
N PRO B 296 19.24 -57.44 -27.63
CA PRO B 296 19.57 -58.18 -26.40
C PRO B 296 18.35 -59.00 -25.98
N ALA B 297 18.55 -60.29 -25.72
CA ALA B 297 17.44 -61.17 -25.34
C ALA B 297 16.53 -60.62 -24.27
N GLN B 298 15.24 -60.58 -24.57
CA GLN B 298 14.22 -60.11 -23.63
C GLN B 298 14.62 -58.86 -22.88
N TRP B 299 15.39 -57.99 -23.52
CA TRP B 299 15.85 -56.77 -22.88
C TRP B 299 14.75 -55.97 -22.17
N PHE B 300 13.66 -55.70 -22.87
CA PHE B 300 12.58 -54.93 -22.28
C PHE B 300 12.01 -55.50 -20.99
N THR B 301 11.66 -56.79 -20.99
CA THR B 301 11.09 -57.40 -19.80
C THR B 301 12.12 -57.56 -18.68
N LYS B 302 13.37 -57.82 -19.04
CA LYS B 302 14.41 -57.97 -18.04
C LYS B 302 14.51 -56.70 -17.22
N VAL B 303 14.34 -55.56 -17.90
CA VAL B 303 14.42 -54.26 -17.26
C VAL B 303 13.19 -53.98 -16.40
N LEU B 304 12.01 -54.38 -16.89
CA LEU B 304 10.79 -54.15 -16.13
C LEU B 304 10.84 -55.00 -14.87
N ALA B 305 11.22 -56.26 -15.05
CA ALA B 305 11.34 -57.21 -13.95
C ALA B 305 12.26 -56.62 -12.88
N ALA B 306 13.35 -56.03 -13.35
CA ALA B 306 14.33 -55.41 -12.47
C ALA B 306 13.72 -54.22 -11.72
N ILE B 307 12.95 -53.40 -12.43
CA ILE B 307 12.35 -52.22 -11.81
C ILE B 307 11.28 -52.58 -10.79
N LYS B 308 10.41 -53.53 -11.13
CA LYS B 308 9.34 -53.92 -10.23
C LYS B 308 9.85 -54.64 -9.00
N ALA B 309 10.86 -55.48 -9.20
CA ALA B 309 11.46 -56.25 -8.12
C ALA B 309 11.89 -55.39 -6.92
N ASP B 310 12.12 -54.11 -7.18
CA ASP B 310 12.54 -53.19 -6.13
C ASP B 310 11.41 -52.22 -5.81
N PRO B 311 11.05 -52.11 -4.52
CA PRO B 311 9.98 -51.22 -4.08
C PRO B 311 10.30 -49.73 -4.25
N VAL B 312 11.56 -49.37 -4.09
CA VAL B 312 11.97 -47.98 -4.20
C VAL B 312 12.28 -47.62 -5.63
N ALA B 313 13.04 -48.48 -6.30
CA ALA B 313 13.42 -48.25 -7.69
C ALA B 313 12.20 -48.11 -8.57
N SER B 314 11.07 -48.66 -8.15
CA SER B 314 9.85 -48.59 -8.94
C SER B 314 9.03 -47.31 -8.71
N ARG B 315 9.46 -46.49 -7.76
CA ARG B 315 8.75 -45.25 -7.47
C ARG B 315 9.09 -44.13 -8.44
N ASN B 316 9.18 -44.47 -9.72
CA ASN B 316 9.48 -43.50 -10.75
C ASN B 316 8.26 -43.37 -11.64
N ALA B 317 7.85 -42.12 -11.86
CA ALA B 317 6.66 -41.80 -12.66
C ALA B 317 6.58 -42.28 -14.12
N TYR B 318 7.66 -42.18 -14.88
CA TYR B 318 7.59 -42.63 -16.26
C TYR B 318 8.93 -43.04 -16.81
N MET B 319 8.89 -43.67 -17.98
CA MET B 319 10.10 -44.12 -18.66
C MET B 319 9.83 -44.02 -20.16
N GLU B 320 10.62 -43.18 -20.83
CA GLU B 320 10.46 -42.94 -22.25
C GLU B 320 11.62 -43.45 -23.08
N THR B 321 11.35 -44.31 -24.05
CA THR B 321 12.42 -44.79 -24.90
C THR B 321 12.47 -43.78 -26.05
N TRP B 322 13.47 -43.86 -26.91
CA TRP B 322 13.58 -42.86 -27.97
C TRP B 322 12.81 -43.08 -29.28
N ALA B 323 12.99 -42.13 -30.19
CA ALA B 323 12.33 -42.09 -31.49
C ALA B 323 12.54 -43.27 -32.43
N ASN B 324 11.53 -43.49 -33.28
CA ASN B 324 11.56 -44.54 -34.30
C ASN B 324 11.75 -43.83 -35.65
N PHE B 325 12.93 -43.26 -35.85
CA PHE B 325 13.28 -42.52 -37.06
C PHE B 325 13.29 -43.36 -38.32
N ASP B 326 13.98 -44.49 -38.26
CA ASP B 326 14.08 -45.37 -39.42
C ASP B 326 14.47 -46.82 -39.07
N ALA B 327 14.78 -47.61 -40.08
CA ALA B 327 15.13 -49.01 -39.88
C ALA B 327 16.42 -49.18 -39.10
N GLY B 328 17.45 -48.42 -39.46
CA GLY B 328 18.72 -48.52 -38.78
C GLY B 328 18.57 -48.09 -37.33
N GLN B 329 17.90 -46.96 -37.14
CA GLN B 329 17.71 -46.43 -35.80
C GLN B 329 16.26 -46.14 -35.42
N HIS B 330 15.73 -46.99 -34.54
CA HIS B 330 14.39 -46.81 -33.99
C HIS B 330 14.46 -47.61 -32.70
N PHE B 331 13.82 -47.11 -31.65
CA PHE B 331 13.88 -47.76 -30.35
C PHE B 331 12.68 -48.61 -29.95
N VAL B 332 11.62 -48.53 -30.76
CA VAL B 332 10.43 -49.34 -30.52
C VAL B 332 10.25 -50.32 -31.68
N PRO B 333 10.31 -51.62 -31.39
CA PRO B 333 10.19 -52.73 -32.33
C PRO B 333 9.01 -52.67 -33.28
N VAL B 334 9.22 -53.25 -34.45
CA VAL B 334 8.18 -53.33 -35.48
C VAL B 334 8.39 -54.71 -36.11
N PRO B 335 7.39 -55.23 -36.82
CA PRO B 335 7.57 -56.56 -37.44
C PRO B 335 8.91 -56.77 -38.13
N GLY B 336 9.63 -57.79 -37.70
CA GLY B 336 10.92 -58.07 -38.30
C GLY B 336 12.04 -57.96 -37.27
N ASP B 337 11.86 -57.08 -36.28
CA ASP B 337 12.86 -56.91 -35.24
C ASP B 337 12.66 -58.00 -34.22
N ALA B 338 13.76 -58.55 -33.74
CA ALA B 338 13.71 -59.63 -32.77
C ALA B 338 12.93 -59.26 -31.51
N LEU B 339 13.24 -58.10 -30.93
CA LEU B 339 12.57 -57.70 -29.69
C LEU B 339 11.08 -57.37 -29.78
N LEU B 340 10.49 -57.47 -30.97
CA LEU B 340 9.07 -57.13 -31.09
C LEU B 340 8.19 -57.83 -30.07
N GLU B 341 8.30 -59.15 -29.97
CA GLU B 341 7.46 -59.87 -29.02
C GLU B 341 7.74 -59.45 -27.57
N ASP B 342 9.01 -59.33 -27.21
CA ASP B 342 9.32 -58.93 -25.84
C ASP B 342 8.73 -57.57 -25.50
N PHE B 343 8.85 -56.62 -26.43
CA PHE B 343 8.32 -55.27 -26.20
C PHE B 343 6.80 -55.27 -26.03
N GLN B 344 6.13 -56.26 -26.61
CA GLN B 344 4.68 -56.34 -26.47
C GLN B 344 4.40 -56.89 -25.08
N ALA B 345 5.21 -57.86 -24.66
CA ALA B 345 5.09 -58.46 -23.35
C ALA B 345 5.15 -57.34 -22.32
N TYR B 346 6.16 -56.48 -22.49
CA TYR B 346 6.36 -55.35 -21.61
C TYR B 346 5.14 -54.43 -21.59
N ALA B 347 4.54 -54.19 -22.76
CA ALA B 347 3.38 -53.31 -22.88
C ALA B 347 2.14 -53.88 -22.19
N ALA B 348 1.97 -55.18 -22.33
CA ALA B 348 0.83 -55.89 -21.75
C ALA B 348 0.96 -56.01 -20.24
N ASP B 349 2.15 -55.75 -19.71
CA ASP B 349 2.35 -55.83 -18.28
C ASP B 349 1.48 -54.77 -17.61
N PRO B 350 0.75 -55.17 -16.55
CA PRO B 350 -0.14 -54.30 -15.78
C PRO B 350 0.55 -53.09 -15.20
N PHE B 351 1.85 -53.21 -14.95
CA PHE B 351 2.62 -52.13 -14.35
C PHE B 351 2.96 -50.99 -15.29
N THR B 352 2.94 -51.25 -16.59
CA THR B 352 3.24 -50.21 -17.56
C THR B 352 1.95 -49.50 -17.96
N LEU B 353 1.92 -48.19 -17.80
CA LEU B 353 0.73 -47.43 -18.14
C LEU B 353 0.80 -46.77 -19.52
N PHE B 354 -0.32 -46.86 -20.25
CA PHE B 354 -0.39 -46.28 -21.57
C PHE B 354 -1.53 -45.27 -21.61
N ALA B 355 -1.51 -44.43 -22.63
CA ALA B 355 -2.49 -43.37 -22.83
C ALA B 355 -3.88 -43.64 -22.26
N SER B 356 -4.51 -44.73 -22.66
CA SER B 356 -5.86 -45.01 -22.19
C SER B 356 -5.96 -45.29 -20.70
N GLU B 357 -4.87 -45.66 -20.06
CA GLU B 357 -4.88 -45.96 -18.64
C GLU B 357 -4.65 -44.71 -17.78
N VAL B 358 -4.41 -43.58 -18.43
CA VAL B 358 -4.18 -42.32 -17.73
C VAL B 358 -5.50 -41.63 -17.43
N THR B 359 -5.77 -41.39 -16.15
CA THR B 359 -7.00 -40.73 -15.73
C THR B 359 -6.82 -39.85 -14.50
N GLY B 360 -7.44 -38.67 -14.52
CA GLY B 360 -7.34 -37.76 -13.40
C GLY B 360 -5.95 -37.16 -13.25
N ALA B 361 -5.40 -36.70 -14.36
CA ALA B 361 -4.06 -36.13 -14.36
C ALA B 361 -4.08 -34.59 -14.43
N PHE B 362 -5.17 -34.03 -14.94
CA PHE B 362 -5.28 -32.59 -15.09
C PHE B 362 -6.45 -31.94 -14.35
N ASP B 363 -7.41 -32.75 -13.96
CA ASP B 363 -8.59 -32.25 -13.27
C ASP B 363 -8.45 -32.22 -11.75
N ARG B 364 -7.23 -32.39 -11.24
CA ARG B 364 -7.04 -32.37 -9.79
C ARG B 364 -7.02 -30.95 -9.23
N THR B 365 -7.36 -30.85 -7.96
CA THR B 365 -7.39 -29.57 -7.26
C THR B 365 -6.25 -29.52 -6.26
N VAL B 366 -5.14 -28.90 -6.64
CA VAL B 366 -3.98 -28.80 -5.74
C VAL B 366 -3.48 -27.36 -5.63
N ALA B 367 -2.88 -27.05 -4.48
CA ALA B 367 -2.35 -25.72 -4.24
C ALA B 367 -0.83 -25.73 -4.31
N ALA B 368 -0.26 -24.69 -4.92
CA ALA B 368 1.18 -24.59 -5.04
C ALA B 368 1.69 -23.86 -3.82
N ALA B 369 2.54 -24.51 -3.03
CA ALA B 369 3.12 -23.85 -1.86
C ALA B 369 3.76 -22.56 -2.36
N PRO B 370 3.92 -21.58 -1.46
CA PRO B 370 4.53 -20.31 -1.90
C PRO B 370 5.96 -20.50 -2.42
N ALA B 371 6.31 -19.81 -3.51
CA ALA B 371 7.65 -19.91 -4.08
C ALA B 371 8.68 -19.62 -2.99
N GLN B 372 9.69 -20.46 -2.87
CA GLN B 372 10.71 -20.26 -1.86
C GLN B 372 11.72 -19.22 -2.32
N PRO B 373 12.13 -18.32 -1.42
CA PRO B 373 13.09 -17.28 -1.76
C PRO B 373 14.42 -17.93 -2.15
N VAL B 374 15.11 -17.32 -3.10
CA VAL B 374 16.41 -17.83 -3.55
C VAL B 374 17.24 -16.70 -4.10
N VAL B 375 18.55 -16.89 -4.09
CA VAL B 375 19.45 -15.89 -4.63
C VAL B 375 20.74 -16.53 -5.11
N HIS B 376 21.07 -16.32 -6.38
CA HIS B 376 22.29 -16.86 -6.93
C HIS B 376 23.00 -15.80 -7.76
N ILE B 377 24.29 -15.98 -7.92
CA ILE B 377 25.10 -15.05 -8.67
C ILE B 377 25.16 -15.54 -10.10
N ALA B 378 24.44 -14.85 -10.99
CA ALA B 378 24.37 -15.21 -12.41
C ALA B 378 25.71 -15.00 -13.12
N SER B 379 26.53 -14.11 -12.59
CA SER B 379 27.83 -13.86 -13.18
C SER B 379 28.73 -13.04 -12.25
N PRO B 380 29.97 -13.51 -12.04
CA PRO B 380 30.51 -14.74 -12.63
C PRO B 380 29.97 -16.00 -11.93
N ALA B 381 29.65 -17.03 -12.71
CA ALA B 381 29.12 -18.28 -12.16
C ALA B 381 30.18 -19.00 -11.34
N ASP B 382 29.75 -19.97 -10.55
CA ASP B 382 30.68 -20.70 -9.72
C ASP B 382 31.58 -21.60 -10.53
N GLY B 383 32.87 -21.53 -10.23
CA GLY B 383 33.85 -22.35 -10.92
C GLY B 383 34.21 -21.82 -12.30
N ALA B 384 33.94 -20.54 -12.53
CA ALA B 384 34.25 -19.94 -13.82
C ALA B 384 35.50 -19.06 -13.71
N ARG B 385 36.19 -18.85 -14.84
CA ARG B 385 37.37 -18.01 -14.82
C ARG B 385 36.98 -16.62 -15.29
N VAL B 386 37.35 -15.60 -14.51
CA VAL B 386 37.02 -14.21 -14.84
C VAL B 386 38.12 -13.47 -15.61
N ALA B 387 37.69 -12.71 -16.62
CA ALA B 387 38.60 -11.94 -17.47
C ALA B 387 39.07 -10.67 -16.75
N SER B 388 40.25 -10.17 -17.12
CA SER B 388 40.77 -8.96 -16.51
C SER B 388 39.89 -7.76 -16.88
N ALA B 389 39.29 -7.84 -18.07
CA ALA B 389 38.41 -6.79 -18.55
C ALA B 389 37.30 -6.57 -17.53
N PRO B 390 36.70 -5.37 -17.52
CA PRO B 390 35.63 -5.12 -16.56
C PRO B 390 34.44 -6.00 -16.95
N THR B 391 33.73 -6.51 -15.95
CA THR B 391 32.56 -7.35 -16.20
C THR B 391 31.46 -6.96 -15.25
N THR B 392 30.22 -7.32 -15.59
CA THR B 392 29.07 -7.00 -14.76
C THR B 392 28.70 -8.14 -13.82
N VAL B 393 28.68 -7.85 -12.52
CA VAL B 393 28.29 -8.84 -11.53
C VAL B 393 26.77 -8.81 -11.51
N ARG B 394 26.11 -9.93 -11.76
CA ARG B 394 24.66 -9.95 -11.67
C ARG B 394 24.12 -11.02 -10.74
N VAL B 395 23.27 -10.56 -9.83
CA VAL B 395 22.63 -11.40 -8.84
C VAL B 395 21.14 -11.46 -9.11
N ARG B 396 20.56 -12.62 -8.84
CA ARG B 396 19.15 -12.82 -9.04
C ARG B 396 18.57 -13.25 -7.71
N VAL B 397 17.56 -12.52 -7.23
CA VAL B 397 16.92 -12.87 -5.98
C VAL B 397 15.47 -13.13 -6.36
N GLY B 398 14.99 -14.33 -6.08
CA GLY B 398 13.62 -14.67 -6.45
C GLY B 398 12.74 -15.16 -5.32
N GLY B 399 11.43 -15.00 -5.50
CA GLY B 399 10.47 -15.46 -4.52
C GLY B 399 10.25 -14.56 -3.32
N THR B 400 10.59 -13.27 -3.47
CA THR B 400 10.42 -12.33 -2.36
C THR B 400 10.84 -10.94 -2.81
N ASP B 401 10.31 -9.92 -2.15
CA ASP B 401 10.65 -8.55 -2.49
C ASP B 401 12.03 -8.25 -1.96
N VAL B 402 12.89 -7.74 -2.84
CA VAL B 402 14.26 -7.40 -2.46
C VAL B 402 14.41 -5.93 -2.15
N GLN B 403 14.97 -5.63 -0.98
CA GLN B 403 15.18 -4.24 -0.60
C GLN B 403 16.55 -3.76 -1.09
N SER B 404 17.56 -4.60 -0.91
CA SER B 404 18.91 -4.25 -1.33
C SER B 404 19.72 -5.51 -1.59
N VAL B 405 20.80 -5.36 -2.36
CA VAL B 405 21.68 -6.48 -2.65
C VAL B 405 23.13 -6.01 -2.65
N THR B 406 23.97 -6.69 -1.90
CA THR B 406 25.37 -6.32 -1.82
C THR B 406 26.24 -7.50 -2.22
N VAL B 407 27.45 -7.20 -2.67
CA VAL B 407 28.39 -8.23 -3.09
C VAL B 407 29.75 -7.91 -2.48
N GLU B 408 30.48 -8.95 -2.07
CA GLU B 408 31.81 -8.76 -1.51
C GLU B 408 32.79 -9.70 -2.15
N VAL B 409 33.77 -9.12 -2.84
CA VAL B 409 34.80 -9.90 -3.47
C VAL B 409 35.92 -10.09 -2.45
N ALA B 410 36.09 -11.32 -1.99
CA ALA B 410 37.13 -11.63 -1.01
C ALA B 410 38.32 -12.34 -1.67
N GLN B 411 39.37 -12.55 -0.89
CA GLN B 411 40.58 -13.22 -1.40
C GLN B 411 41.67 -13.28 -0.34
N VAL B 415 39.11 -9.17 2.03
CA VAL B 415 38.09 -8.51 1.21
C VAL B 415 38.69 -7.45 0.32
N VAL B 416 38.69 -7.74 -0.98
CA VAL B 416 39.24 -6.85 -1.99
C VAL B 416 38.27 -5.77 -2.46
N ASP B 417 36.98 -6.08 -2.48
CA ASP B 417 35.98 -5.15 -2.98
C ASP B 417 34.62 -5.29 -2.32
N THR B 418 33.80 -4.25 -2.44
CA THR B 418 32.44 -4.24 -1.90
C THR B 418 31.55 -3.51 -2.90
N LEU B 419 30.56 -4.22 -3.44
CA LEU B 419 29.67 -3.65 -4.44
C LEU B 419 28.23 -3.49 -3.98
N ASP B 420 27.62 -2.39 -4.37
CA ASP B 420 26.22 -2.09 -4.03
C ASP B 420 25.45 -2.30 -5.33
N LEU B 421 24.60 -3.32 -5.38
CA LEU B 421 23.89 -3.57 -6.62
C LEU B 421 22.59 -2.81 -6.77
N ALA B 422 22.10 -2.76 -8.00
CA ALA B 422 20.87 -2.07 -8.35
C ALA B 422 20.08 -2.89 -9.37
N TYR B 423 18.79 -3.06 -9.09
CA TYR B 423 17.90 -3.83 -9.95
C TYR B 423 17.84 -3.31 -11.38
N ASP B 424 18.06 -4.17 -12.36
CA ASP B 424 18.02 -3.73 -13.74
C ASP B 424 16.58 -3.64 -14.23
N GLY B 425 15.64 -3.66 -13.30
CA GLY B 425 14.24 -3.54 -13.67
C GLY B 425 13.61 -4.69 -14.43
N ALA B 426 14.37 -5.75 -14.70
CA ALA B 426 13.79 -6.86 -15.44
C ALA B 426 14.07 -8.23 -14.85
N LEU B 427 15.31 -8.46 -14.42
CA LEU B 427 15.67 -9.76 -13.88
C LEU B 427 16.75 -9.76 -12.79
N TRP B 428 17.89 -9.16 -13.10
CA TRP B 428 19.02 -9.15 -12.19
C TRP B 428 19.28 -7.86 -11.42
N TRP B 429 20.09 -8.00 -10.38
CA TRP B 429 20.54 -6.87 -9.59
C TRP B 429 21.99 -6.85 -10.06
N THR B 430 22.47 -5.72 -10.56
CA THR B 430 23.82 -5.67 -11.09
C THR B 430 24.74 -4.57 -10.56
N ALA B 431 25.96 -4.55 -11.08
CA ALA B 431 26.97 -3.57 -10.72
C ALA B 431 28.28 -3.89 -11.43
N PRO B 432 29.07 -2.86 -11.77
CA PRO B 432 30.36 -3.04 -12.45
C PRO B 432 31.41 -3.62 -11.53
N TRP B 433 32.30 -4.45 -12.07
CA TRP B 433 33.38 -5.05 -11.29
C TRP B 433 34.63 -5.21 -12.13
N SER B 434 35.66 -4.45 -11.77
CA SER B 434 36.92 -4.53 -12.50
C SER B 434 37.94 -5.24 -11.62
N PRO B 435 38.05 -6.58 -11.76
CA PRO B 435 39.00 -7.37 -10.98
C PRO B 435 40.41 -6.80 -10.97
N TYR B 445 38.43 -14.22 -6.38
CA TYR B 445 38.19 -15.58 -5.89
C TYR B 445 36.84 -15.82 -5.22
N THR B 446 36.51 -15.06 -4.19
CA THR B 446 35.23 -15.24 -3.50
C THR B 446 34.23 -14.09 -3.67
N VAL B 447 33.15 -14.38 -4.39
CA VAL B 447 32.12 -13.40 -4.60
C VAL B 447 30.96 -13.82 -3.71
N THR B 448 30.56 -12.93 -2.82
CA THR B 448 29.47 -13.23 -1.90
C THR B 448 28.36 -12.19 -2.01
N ALA B 449 27.16 -12.67 -2.34
CA ALA B 449 26.00 -11.80 -2.50
C ALA B 449 25.09 -11.84 -1.28
N THR B 450 24.71 -10.67 -0.82
CA THR B 450 23.82 -10.57 0.32
C THR B 450 22.68 -9.70 -0.13
N ALA B 451 21.47 -10.21 0.05
CA ALA B 451 20.29 -9.47 -0.35
C ALA B 451 19.40 -9.32 0.85
N THR B 452 19.11 -8.08 1.22
CA THR B 452 18.23 -7.82 2.35
C THR B 452 16.83 -7.96 1.77
N THR B 453 16.19 -9.09 2.01
CA THR B 453 14.86 -9.30 1.42
C THR B 453 13.71 -9.34 2.40
N ALA B 454 12.51 -9.32 1.83
CA ALA B 454 11.27 -9.36 2.59
C ALA B 454 11.17 -10.67 3.35
N ALA B 455 11.94 -11.67 2.91
CA ALA B 455 11.93 -12.97 3.54
C ALA B 455 13.15 -13.10 4.42
N GLY B 456 13.83 -11.99 4.65
CA GLY B 456 15.02 -12.00 5.47
C GLY B 456 16.28 -11.77 4.67
N THR B 457 17.42 -11.87 5.33
CA THR B 457 18.68 -11.67 4.63
C THR B 457 19.12 -12.98 3.97
N LEU B 458 19.23 -12.96 2.65
CA LEU B 458 19.67 -14.16 1.93
C LEU B 458 21.05 -13.88 1.39
N ASP B 459 21.94 -14.86 1.50
CA ASP B 459 23.29 -14.68 0.98
C ASP B 459 23.71 -15.91 0.20
N VAL B 460 24.69 -15.73 -0.68
CA VAL B 460 25.19 -16.80 -1.51
C VAL B 460 26.64 -16.52 -1.88
N THR B 461 27.41 -17.58 -2.13
CA THR B 461 28.81 -17.40 -2.48
C THR B 461 29.31 -18.27 -3.63
N ASN B 462 29.83 -17.62 -4.66
CA ASN B 462 30.40 -18.27 -5.84
C ASN B 462 31.92 -18.10 -5.68
N GLU B 463 32.68 -19.06 -6.19
CA GLU B 463 34.15 -19.03 -6.13
C GLU B 463 34.74 -19.14 -7.55
N VAL B 464 35.47 -18.09 -7.96
CA VAL B 464 36.03 -17.94 -9.31
C VAL B 464 37.54 -17.78 -9.44
N ALA B 465 37.99 -17.15 -10.54
CA ALA B 465 39.43 -17.00 -10.73
C ALA B 465 39.81 -16.03 -11.86
N ALA B 466 40.97 -15.39 -11.76
CA ALA B 466 41.43 -14.40 -12.75
C ALA B 466 42.36 -15.01 -13.79
N ALA B 467 42.65 -14.28 -14.86
CA ALA B 467 43.52 -14.82 -15.89
C ALA B 467 44.84 -14.08 -16.05
N LEU B 468 44.81 -12.83 -16.09
C1 BMA C . -9.03 24.02 6.65
C2 BMA C . -8.81 23.39 5.26
C3 BMA C . -8.60 24.52 4.25
C4 BMA C . -9.82 25.42 4.26
C5 BMA C . -10.02 25.97 5.72
C6 BMA C . -11.27 26.87 5.76
O1 BMA C . -9.22 22.98 7.58
O2 BMA C . -9.95 22.59 4.91
O3 BMA C . -8.41 23.99 2.94
O4 BMA C . -9.57 26.49 3.31
O5 BMA C . -10.20 24.88 6.65
O6 BMA C . -12.27 26.27 6.59
C1 BMA C . -10.68 26.62 2.45
C2 BMA C . -10.48 27.94 1.67
C3 BMA C . -11.67 28.11 0.74
C4 BMA C . -11.77 26.92 -0.22
C5 BMA C . -11.90 25.62 0.66
C6 BMA C . -11.96 24.37 -0.25
O2 BMA C . -9.25 27.91 0.93
O3 BMA C . -11.51 29.33 -0.01
O4 BMA C . -12.93 27.14 -1.05
O5 BMA C . -10.74 25.48 1.53
O6 BMA C . -10.80 23.54 -0.07
C1 BMA C . -12.87 26.59 -2.35
C2 BMA C . -14.32 26.48 -2.86
C3 BMA C . -14.28 25.86 -4.26
C4 BMA C . -13.43 26.79 -5.17
C5 BMA C . -12.02 26.89 -4.56
C6 BMA C . -11.18 27.80 -5.45
O2 BMA C . -14.93 27.80 -2.91
O3 BMA C . -15.62 25.74 -4.79
O4 BMA C . -13.36 26.22 -6.48
O5 BMA C . -12.09 27.45 -3.22
O6 BMA C . -9.86 27.90 -4.90
C1 BMA D . 19.92 -38.90 -30.84
C2 BMA D . 20.15 -39.55 -32.22
C3 BMA D . 20.37 -38.43 -33.25
C4 BMA D . 19.15 -37.51 -33.26
C5 BMA D . 18.95 -36.95 -31.81
C6 BMA D . 17.71 -36.04 -31.78
O1 BMA D . 19.71 -39.93 -29.91
O2 BMA D . 18.98 -40.33 -32.58
O3 BMA D . 20.56 -38.97 -34.55
O4 BMA D . 19.42 -36.45 -34.20
O5 BMA D . 18.75 -38.03 -30.87
O6 BMA D . 16.69 -36.62 -30.95
C1 BMA D . 18.33 -36.32 -35.09
C2 BMA D . 18.54 -35.00 -35.86
C3 BMA D . 17.35 -34.83 -36.81
C4 BMA D . 17.26 -36.03 -37.76
C5 BMA D . 17.11 -37.33 -36.86
C6 BMA D . 17.03 -38.58 -37.77
O2 BMA D . 19.77 -35.05 -36.60
O3 BMA D . 17.53 -33.61 -37.57
O4 BMA D . 16.09 -35.80 -38.60
O5 BMA D . 18.25 -37.47 -35.98
O6 BMA D . 18.18 -39.42 -37.57
C1 BMA D . 16.17 -36.36 -39.90
C2 BMA D . 14.72 -36.46 -40.41
C3 BMA D . 14.77 -37.10 -41.82
C4 BMA D . 15.62 -36.19 -42.72
C5 BMA D . 17.04 -36.10 -42.10
C6 BMA D . 17.89 -35.19 -42.98
O2 BMA D . 14.14 -35.14 -40.48
O3 BMA D . 13.43 -37.20 -42.33
O4 BMA D . 15.70 -36.76 -44.03
O5 BMA D . 16.96 -35.51 -40.76
O6 BMA D . 19.21 -35.10 -42.42
AS CAC E . -9.35 24.41 10.98
O1 CAC E . -8.62 23.78 12.33
O2 CAC E . -10.32 25.59 11.49
C1 CAC E . -8.08 25.17 9.80
C2 CAC E . -10.48 23.12 10.19
AS CAC F . 19.57 -38.47 -26.51
O1 CAC F . 20.29 -39.10 -25.15
O2 CAC F . 18.61 -37.28 -26.03
C1 CAC F . 20.85 -37.74 -27.69
C2 CAC F . 18.43 -39.76 -27.31
#